data_6DI8
#
_entry.id   6DI8
#
_cell.length_a   126.810
_cell.length_b   126.810
_cell.length_c   122.030
_cell.angle_alpha   90.000
_cell.angle_beta   90.000
_cell.angle_gamma   120.000
#
_symmetry.space_group_name_H-M   'P 65'
#
loop_
_entity.id
_entity.type
_entity.pdbx_description
1 polymer 'Chymotrypsin A chain A'
2 polymer 'Chymotrypsin A chain B'
3 polymer 'Chymotrypsin A chain C'
4 non-polymer 'SULFATE ION'
5 water water
#
loop_
_entity_poly.entity_id
_entity_poly.type
_entity_poly.pdbx_seq_one_letter_code
_entity_poly.pdbx_strand_id
1 'polypeptide(L)' CGVPAIQPVLSGL A,D,G,J
2 'polypeptide(L)'
;IVNGEEAVPGSWPWQVSLQDKTGFHFCGGSLINENWVVTAAHCGVTTSDVVVAGEFDQGSSSEKIQKLKIAKVFKNSKYN
SLTINNDITLLKLSTAASFSQTVSAVCLPSASDDFAAGTTCVTTGWGLTRY
;
B,E,H,K
3 'polypeptide(L)'
;ANTPDRLQQASLPLLSNTNCKKYWGTKIKDAMICAGASGVSSCMGDSGGPLVCKKNGAWTLVGIVSWGSSTCSTSTPGVY
ARVTALVNWVQQTLAAN
;
C,F,I,L
#
loop_
_chem_comp.id
_chem_comp.type
_chem_comp.name
_chem_comp.formula
SO4 non-polymer 'SULFATE ION' 'O4 S -2'
#
# COMPACT_ATOMS: atom_id res chain seq x y z
N CYS A 1 -14.14 0.28 -7.59
CA CYS A 1 -14.55 1.22 -6.54
C CYS A 1 -13.93 0.78 -5.21
N GLY A 2 -13.84 1.72 -4.28
CA GLY A 2 -13.52 1.39 -2.91
C GLY A 2 -12.09 0.98 -2.63
N VAL A 3 -11.19 1.07 -3.61
CA VAL A 3 -9.77 0.75 -3.38
C VAL A 3 -8.95 1.95 -3.83
N PRO A 4 -8.60 2.85 -2.92
CA PRO A 4 -7.84 4.05 -3.32
C PRO A 4 -6.49 3.68 -3.91
N ALA A 5 -6.12 4.41 -4.98
CA ALA A 5 -4.77 4.26 -5.52
C ALA A 5 -3.73 4.60 -4.47
N ILE A 6 -4.03 5.56 -3.60
CA ILE A 6 -3.17 5.91 -2.47
C ILE A 6 -3.78 5.26 -1.23
N GLN A 7 -3.17 4.20 -0.74
CA GLN A 7 -3.79 3.42 0.33
C GLN A 7 -3.82 4.22 1.63
N PRO A 8 -4.97 4.30 2.29
CA PRO A 8 -5.02 5.04 3.56
C PRO A 8 -4.16 4.39 4.62
N VAL A 9 -3.61 5.24 5.49
CA VAL A 9 -2.72 4.79 6.55
C VAL A 9 -3.39 5.26 7.83
N LEU A 10 -3.96 4.34 8.59
CA LEU A 10 -4.58 4.65 9.85
C LEU A 10 -3.58 4.35 10.96
N SER A 11 -3.45 5.26 11.91
CA SER A 11 -2.32 5.15 12.81
C SER A 11 -2.64 5.87 14.12
N GLY A 12 -1.60 6.17 14.91
CA GLY A 12 -1.79 6.87 16.15
C GLY A 12 -0.63 7.77 16.55
N LEU A 13 0.17 7.34 17.52
CA LEU A 13 1.27 8.14 18.02
C LEU A 13 2.43 8.23 17.03
N ILE B 1 -14.07 15.60 12.89
CA ILE B 1 -13.88 14.42 13.74
C ILE B 1 -13.03 14.73 14.95
N VAL B 2 -13.60 14.53 16.14
CA VAL B 2 -12.88 14.72 17.40
C VAL B 2 -12.02 13.50 17.69
N ASN B 3 -10.74 13.73 18.00
CA ASN B 3 -9.78 12.67 18.33
CA ASN B 3 -9.78 12.67 18.33
C ASN B 3 -9.51 11.76 17.14
N GLY B 4 -9.65 12.29 15.92
CA GLY B 4 -9.22 11.59 14.73
C GLY B 4 -7.77 11.92 14.44
N GLU B 5 -7.40 11.81 13.16
CA GLU B 5 -6.04 12.14 12.74
C GLU B 5 -6.05 12.51 11.27
N GLU B 6 -4.97 13.15 10.83
CA GLU B 6 -4.88 13.53 9.42
C GLU B 6 -4.75 12.30 8.54
N ALA B 7 -5.48 12.31 7.43
CA ALA B 7 -5.39 11.25 6.44
C ALA B 7 -4.19 11.49 5.54
N VAL B 8 -3.69 10.41 4.94
CA VAL B 8 -2.72 10.61 3.86
C VAL B 8 -3.39 11.37 2.72
N PRO B 9 -2.77 12.41 2.16
CA PRO B 9 -3.43 13.19 1.10
C PRO B 9 -3.77 12.31 -0.09
N GLY B 10 -5.04 12.34 -0.49
CA GLY B 10 -5.53 11.54 -1.59
C GLY B 10 -6.01 10.16 -1.25
N SER B 11 -5.88 9.72 0.01
CA SER B 11 -6.16 8.33 0.38
C SER B 11 -7.65 8.08 0.61
N TRP B 12 -8.49 9.12 0.59
CA TRP B 12 -9.94 8.95 0.60
C TRP B 12 -10.49 9.66 -0.64
N PRO B 13 -10.27 9.09 -1.82
CA PRO B 13 -10.45 9.85 -3.07
C PRO B 13 -11.90 10.11 -3.42
N TRP B 14 -12.85 9.43 -2.77
CA TRP B 14 -14.26 9.71 -2.99
C TRP B 14 -14.78 10.84 -2.11
N GLN B 15 -14.02 11.24 -1.10
CA GLN B 15 -14.46 12.30 -0.20
C GLN B 15 -14.45 13.62 -0.95
N VAL B 16 -15.60 14.30 -0.97
CA VAL B 16 -15.68 15.63 -1.56
C VAL B 16 -16.13 16.59 -0.49
N SER B 17 -15.87 17.87 -0.74
CA SER B 17 -16.32 18.96 0.10
C SER B 17 -17.40 19.72 -0.67
N LEU B 18 -18.53 19.97 -0.03
CA LEU B 18 -19.61 20.74 -0.64
C LEU B 18 -19.47 22.18 -0.16
N GLN B 19 -19.29 23.10 -1.10
CA GLN B 19 -19.08 24.51 -0.81
C GLN B 19 -20.27 25.30 -1.31
N ASP B 20 -20.65 26.34 -0.58
CA ASP B 20 -21.74 27.19 -1.03
C ASP B 20 -21.18 28.20 -2.03
N LYS B 21 -22.02 29.15 -2.45
CA LYS B 21 -21.62 30.16 -3.43
C LYS B 21 -20.44 31.02 -2.97
N THR B 22 -20.20 31.12 -1.66
CA THR B 22 -19.08 31.91 -1.15
C THR B 22 -17.78 31.13 -1.08
N GLY B 23 -17.80 29.82 -1.32
CA GLY B 23 -16.64 28.95 -1.11
C GLY B 23 -16.58 28.30 0.25
N PHE B 24 -17.60 28.50 1.08
CA PHE B 24 -17.63 27.98 2.45
C PHE B 24 -17.98 26.49 2.42
N HIS B 25 -17.08 25.64 2.93
CA HIS B 25 -17.37 24.23 3.16
C HIS B 25 -18.54 24.11 4.14
N PHE B 26 -19.60 23.40 3.75
CA PHE B 26 -20.71 23.22 4.68
C PHE B 26 -21.09 21.76 4.91
N CYS B 27 -20.60 20.82 4.08
CA CYS B 27 -20.90 19.42 4.28
C CYS B 27 -19.88 18.59 3.51
N GLY B 28 -19.78 17.32 3.88
CA GLY B 28 -19.07 16.37 3.07
C GLY B 28 -19.99 15.63 2.11
N GLY B 29 -19.38 14.77 1.32
CA GLY B 29 -20.11 13.90 0.39
C GLY B 29 -19.13 12.86 -0.11
N SER B 30 -19.67 11.90 -0.87
CA SER B 30 -18.90 10.78 -1.40
C SER B 30 -19.22 10.58 -2.88
N LEU B 31 -18.19 10.60 -3.71
CA LEU B 31 -18.37 10.20 -5.11
C LEU B 31 -18.68 8.71 -5.20
N ILE B 32 -19.75 8.38 -5.95
CA ILE B 32 -20.06 6.97 -6.22
C ILE B 32 -19.82 6.58 -7.66
N ASN B 33 -19.62 7.55 -8.55
CA ASN B 33 -19.11 7.35 -9.90
C ASN B 33 -18.69 8.74 -10.41
N GLU B 34 -18.40 8.84 -11.70
CA GLU B 34 -17.88 10.10 -12.21
C GLU B 34 -18.95 11.19 -12.29
N ASN B 35 -20.23 10.83 -12.19
CA ASN B 35 -21.30 11.79 -12.38
C ASN B 35 -22.16 12.02 -11.15
N TRP B 36 -21.90 11.33 -10.03
CA TRP B 36 -22.84 11.36 -8.91
C TRP B 36 -22.13 11.41 -7.57
N VAL B 37 -22.66 12.24 -6.66
CA VAL B 37 -22.21 12.34 -5.28
C VAL B 37 -23.39 11.99 -4.37
N VAL B 38 -23.13 11.24 -3.31
CA VAL B 38 -24.14 10.97 -2.30
C VAL B 38 -23.79 11.76 -1.04
N THR B 39 -24.81 12.37 -0.42
CA THR B 39 -24.60 13.19 0.76
C THR B 39 -25.86 13.10 1.63
N ALA B 40 -25.89 13.90 2.68
CA ALA B 40 -27.02 13.90 3.61
C ALA B 40 -28.07 14.88 3.13
N ALA B 41 -29.34 14.50 3.30
CA ALA B 41 -30.42 15.41 2.92
C ALA B 41 -30.42 16.67 3.79
N HIS B 42 -30.08 16.53 5.07
CA HIS B 42 -30.14 17.69 5.96
C HIS B 42 -29.09 18.74 5.61
N CYS B 43 -28.15 18.42 4.71
CA CYS B 43 -27.22 19.43 4.24
C CYS B 43 -27.88 20.49 3.37
N GLY B 44 -29.08 20.22 2.83
CA GLY B 44 -29.82 21.22 2.07
C GLY B 44 -29.13 21.72 0.81
N VAL B 45 -28.46 20.82 0.10
CA VAL B 45 -27.69 21.20 -1.09
C VAL B 45 -28.63 21.73 -2.17
N THR B 46 -28.17 22.74 -2.90
CA THR B 46 -28.87 23.24 -4.07
C THR B 46 -27.91 23.26 -5.24
N THR B 47 -28.44 23.62 -6.42
CA THR B 47 -27.61 23.71 -7.62
C THR B 47 -26.73 24.95 -7.63
N SER B 48 -26.81 25.81 -6.62
CA SER B 48 -25.83 26.89 -6.45
CA SER B 48 -25.81 26.87 -6.49
C SER B 48 -24.60 26.44 -5.66
N ASP B 49 -24.67 25.28 -5.02
CA ASP B 49 -23.52 24.74 -4.32
C ASP B 49 -22.61 24.02 -5.31
N VAL B 50 -21.37 23.78 -4.87
CA VAL B 50 -20.32 23.24 -5.73
CA VAL B 50 -20.35 23.20 -5.75
C VAL B 50 -19.72 22.01 -5.04
N VAL B 51 -19.46 20.96 -5.82
CA VAL B 51 -18.76 19.76 -5.35
C VAL B 51 -17.26 19.97 -5.56
N VAL B 52 -16.48 19.92 -4.49
CA VAL B 52 -15.02 20.06 -4.59
C VAL B 52 -14.41 18.68 -4.39
N ALA B 53 -13.77 18.17 -5.44
CA ALA B 53 -13.11 16.87 -5.39
C ALA B 53 -11.60 17.02 -5.48
N GLY B 54 -10.89 16.05 -4.90
CA GLY B 54 -9.44 16.04 -4.93
C GLY B 54 -8.77 16.92 -3.91
N GLU B 55 -9.53 17.49 -2.98
CA GLU B 55 -9.00 18.39 -1.97
C GLU B 55 -8.67 17.59 -0.73
N PHE B 56 -7.47 17.77 -0.21
CA PHE B 56 -7.08 17.12 1.04
CA PHE B 56 -7.19 17.15 1.07
C PHE B 56 -6.53 18.13 2.02
N ASP B 57 -5.83 19.12 1.50
CA ASP B 57 -5.11 20.10 2.31
C ASP B 57 -5.66 21.47 1.93
N GLN B 58 -6.57 21.99 2.75
CA GLN B 58 -7.04 23.35 2.53
C GLN B 58 -5.96 24.39 2.80
N GLY B 59 -4.82 23.98 3.36
CA GLY B 59 -3.64 24.81 3.49
C GLY B 59 -2.66 24.70 2.32
N SER B 60 -3.08 24.08 1.22
CA SER B 60 -2.24 23.90 0.04
C SER B 60 -2.86 24.60 -1.16
N SER B 61 -1.99 25.11 -2.03
CA SER B 61 -2.42 25.71 -3.28
CA SER B 61 -2.41 25.72 -3.28
C SER B 61 -2.02 24.89 -4.50
N SER B 62 -1.39 23.74 -4.29
CA SER B 62 -0.83 22.93 -5.37
C SER B 62 -1.65 21.68 -5.66
N GLU B 63 -2.80 21.51 -5.03
CA GLU B 63 -3.56 20.30 -5.24
C GLU B 63 -4.32 20.37 -6.56
N LYS B 64 -4.54 19.20 -7.15
CA LYS B 64 -5.33 19.10 -8.39
C LYS B 64 -6.80 19.02 -8.00
N ILE B 65 -7.39 20.20 -7.79
CA ILE B 65 -8.75 20.35 -7.32
C ILE B 65 -9.69 20.40 -8.51
N GLN B 66 -10.86 19.77 -8.39
CA GLN B 66 -11.92 19.89 -9.38
C GLN B 66 -13.13 20.50 -8.70
N LYS B 67 -13.55 21.67 -9.16
CA LYS B 67 -14.74 22.34 -8.66
C LYS B 67 -15.87 22.03 -9.66
N LEU B 68 -16.81 21.21 -9.24
CA LEU B 68 -17.79 20.61 -10.16
C LEU B 68 -19.17 21.17 -9.90
N LYS B 69 -19.79 21.71 -10.93
CA LYS B 69 -21.14 22.23 -10.81
C LYS B 69 -22.15 21.10 -10.68
N ILE B 70 -23.25 21.40 -10.03
CA ILE B 70 -24.31 20.44 -9.74
C ILE B 70 -25.44 20.73 -10.71
N ALA B 71 -25.83 19.72 -11.49
CA ALA B 71 -26.92 19.94 -12.44
C ALA B 71 -28.28 19.81 -11.77
N LYS B 72 -28.44 18.85 -10.86
CA LYS B 72 -29.76 18.59 -10.28
C LYS B 72 -29.57 17.89 -8.94
N VAL B 73 -30.45 18.23 -7.99
CA VAL B 73 -30.39 17.68 -6.64
C VAL B 73 -31.56 16.71 -6.47
N PHE B 74 -31.25 15.51 -5.96
CA PHE B 74 -32.25 14.46 -5.76
C PHE B 74 -32.36 14.12 -4.28
N LYS B 75 -33.23 14.84 -3.56
CA LYS B 75 -33.47 14.55 -2.16
C LYS B 75 -34.43 13.38 -2.04
N ASN B 76 -34.11 12.45 -1.15
CA ASN B 76 -34.98 11.31 -0.92
C ASN B 76 -36.35 11.77 -0.44
N SER B 77 -37.40 11.40 -1.19
CA SER B 77 -38.75 11.87 -0.87
C SER B 77 -39.18 11.48 0.54
N LYS B 78 -38.59 10.44 1.10
CA LYS B 78 -38.96 9.98 2.45
C LYS B 78 -38.21 10.73 3.55
N TYR B 79 -37.35 11.70 3.23
CA TYR B 79 -36.63 12.43 4.26
C TYR B 79 -37.59 13.13 5.20
N ASN B 80 -37.35 12.98 6.50
CA ASN B 80 -38.19 13.55 7.55
C ASN B 80 -37.40 14.65 8.25
N SER B 81 -37.85 15.89 8.09
CA SER B 81 -37.10 17.04 8.61
C SER B 81 -37.06 17.09 10.14
N LEU B 82 -37.91 16.35 10.83
CA LEU B 82 -37.95 16.37 12.28
C LEU B 82 -37.12 15.26 12.91
N THR B 83 -37.35 14.02 12.47
CA THR B 83 -36.61 12.88 12.98
C THR B 83 -35.28 12.69 12.28
N ILE B 84 -35.06 13.36 11.14
CA ILE B 84 -33.85 13.24 10.32
C ILE B 84 -33.71 11.83 9.77
N ASN B 85 -34.81 11.09 9.68
CA ASN B 85 -34.76 9.75 9.10
C ASN B 85 -34.72 9.83 7.58
N ASN B 86 -34.11 8.81 6.96
CA ASN B 86 -33.93 8.74 5.51
C ASN B 86 -33.10 9.93 5.01
N ASP B 87 -31.95 10.14 5.64
CA ASP B 87 -31.19 11.37 5.48
C ASP B 87 -30.16 11.20 4.35
N ILE B 88 -30.67 11.20 3.12
CA ILE B 88 -29.81 10.96 1.96
C ILE B 88 -30.30 11.80 0.79
N THR B 89 -29.32 12.35 0.05
CA THR B 89 -29.55 13.14 -1.14
C THR B 89 -28.49 12.79 -2.18
N LEU B 90 -28.89 12.73 -3.44
CA LEU B 90 -27.97 12.48 -4.55
C LEU B 90 -27.77 13.77 -5.34
N LEU B 91 -26.53 14.00 -5.77
CA LEU B 91 -26.19 15.15 -6.59
C LEU B 91 -25.70 14.65 -7.94
N LYS B 92 -26.35 15.08 -9.02
CA LYS B 92 -25.89 14.78 -10.37
C LYS B 92 -25.05 15.94 -10.88
N LEU B 93 -23.82 15.64 -11.26
CA LEU B 93 -22.90 16.69 -11.71
C LEU B 93 -23.23 17.08 -13.14
N SER B 94 -23.15 18.38 -13.43
CA SER B 94 -23.35 18.82 -14.81
C SER B 94 -22.20 18.34 -15.71
N THR B 95 -20.97 18.39 -15.21
CA THR B 95 -19.81 17.85 -15.91
C THR B 95 -19.18 16.75 -15.06
N ALA B 96 -18.88 15.62 -15.70
CA ALA B 96 -18.34 14.48 -14.98
C ALA B 96 -17.03 14.82 -14.29
N ALA B 97 -16.84 14.26 -13.09
CA ALA B 97 -15.52 14.31 -12.48
C ALA B 97 -14.54 13.53 -13.36
N SER B 98 -13.28 13.96 -13.33
CA SER B 98 -12.22 13.27 -14.03
C SER B 98 -11.48 12.43 -12.99
N PHE B 99 -11.68 11.11 -13.02
CA PHE B 99 -11.06 10.29 -12.00
C PHE B 99 -9.55 10.27 -12.17
N SER B 100 -8.84 10.07 -11.06
CA SER B 100 -7.40 10.20 -11.03
C SER B 100 -6.90 9.42 -9.82
N GLN B 101 -5.61 9.52 -9.56
CA GLN B 101 -5.04 8.89 -8.38
C GLN B 101 -5.63 9.45 -7.09
N THR B 102 -6.17 10.66 -7.12
CA THR B 102 -6.75 11.28 -5.93
C THR B 102 -8.26 11.44 -5.99
N VAL B 103 -8.90 11.01 -7.07
CA VAL B 103 -10.34 11.18 -7.22
C VAL B 103 -10.91 9.90 -7.82
N SER B 104 -11.76 9.19 -7.06
CA SER B 104 -12.39 7.95 -7.53
C SER B 104 -13.57 7.64 -6.62
N ALA B 105 -14.24 6.51 -6.87
CA ALA B 105 -15.54 6.25 -6.25
C ALA B 105 -15.47 5.25 -5.09
N VAL B 106 -16.36 5.44 -4.11
CA VAL B 106 -16.58 4.44 -3.07
C VAL B 106 -17.53 3.36 -3.58
N CYS B 107 -17.45 2.16 -3.00
CA CYS B 107 -18.43 1.13 -3.34
C CYS B 107 -19.73 1.32 -2.58
N LEU B 108 -20.83 0.92 -3.21
CA LEU B 108 -22.14 0.86 -2.58
C LEU B 108 -22.47 -0.57 -2.18
N PRO B 109 -23.14 -0.75 -1.04
CA PRO B 109 -23.50 -2.09 -0.58
C PRO B 109 -24.73 -2.61 -1.31
N SER B 110 -25.01 -3.89 -1.10
CA SER B 110 -26.32 -4.44 -1.39
C SER B 110 -27.23 -4.23 -0.18
N ALA B 111 -28.53 -4.07 -0.45
CA ALA B 111 -29.46 -3.83 0.65
C ALA B 111 -29.45 -4.95 1.67
N SER B 112 -29.06 -6.16 1.27
CA SER B 112 -29.04 -7.32 2.15
C SER B 112 -27.71 -7.50 2.87
N ASP B 113 -26.72 -6.64 2.62
CA ASP B 113 -25.43 -6.78 3.28
C ASP B 113 -25.59 -6.65 4.78
N ASP B 114 -24.87 -7.49 5.53
CA ASP B 114 -24.90 -7.46 6.99
C ASP B 114 -23.56 -6.96 7.52
N PHE B 115 -23.54 -5.69 7.96
CA PHE B 115 -22.36 -5.13 8.63
C PHE B 115 -22.65 -5.19 10.13
N ALA B 116 -22.09 -6.19 10.79
CA ALA B 116 -22.50 -6.51 12.16
C ALA B 116 -21.94 -5.50 13.16
N ALA B 117 -22.63 -5.40 14.30
CA ALA B 117 -22.14 -4.57 15.39
C ALA B 117 -20.77 -5.04 15.83
N GLY B 118 -19.89 -4.09 16.14
CA GLY B 118 -18.52 -4.40 16.46
C GLY B 118 -17.56 -4.35 15.28
N THR B 119 -18.08 -4.37 14.06
CA THR B 119 -17.25 -4.17 12.88
C THR B 119 -16.51 -2.84 12.99
N THR B 120 -15.21 -2.85 12.73
CA THR B 120 -14.44 -1.62 12.73
C THR B 120 -14.56 -0.98 11.36
N CYS B 121 -15.04 0.25 11.33
CA CYS B 121 -15.20 1.02 10.11
C CYS B 121 -14.42 2.33 10.26
N VAL B 122 -14.55 3.21 9.27
CA VAL B 122 -13.80 4.46 9.23
C VAL B 122 -14.75 5.57 8.77
N THR B 123 -14.66 6.71 9.42
CA THR B 123 -15.32 7.91 8.91
C THR B 123 -14.27 8.98 8.67
N THR B 124 -14.53 9.86 7.70
CA THR B 124 -13.57 10.88 7.29
C THR B 124 -14.30 12.20 7.13
N GLY B 125 -13.58 13.31 7.27
CA GLY B 125 -14.23 14.59 7.03
C GLY B 125 -13.41 15.78 7.51
N TRP B 126 -13.97 16.95 7.23
CA TRP B 126 -13.34 18.21 7.62
CA TRP B 126 -13.42 18.26 7.55
C TRP B 126 -14.03 18.86 8.80
N GLY B 127 -14.81 18.12 9.56
CA GLY B 127 -15.48 18.68 10.73
C GLY B 127 -14.50 19.05 11.84
N LEU B 128 -15.03 19.67 12.88
CA LEU B 128 -14.18 20.13 13.98
C LEU B 128 -13.44 18.95 14.62
N THR B 129 -12.20 19.20 15.02
CA THR B 129 -11.40 18.22 15.75
C THR B 129 -11.60 18.33 17.25
N ARG B 130 -12.23 19.40 17.71
N ARG B 130 -12.27 19.38 17.69
CA ARG B 130 -12.59 19.60 19.10
CA ARG B 130 -12.60 19.59 19.09
C ARG B 130 -13.89 20.38 19.09
N TYR B 131 -14.81 20.05 20.01
CA TYR B 131 -16.08 20.77 20.02
C TYR B 131 -15.82 22.26 20.17
N ALA C 1 -8.67 28.12 15.94
CA ALA C 1 -9.88 27.39 15.56
C ALA C 1 -9.68 25.88 15.76
N ASN C 2 -10.79 25.14 15.76
CA ASN C 2 -10.78 23.69 15.76
C ASN C 2 -11.12 23.11 14.38
N THR C 3 -10.95 23.91 13.35
CA THR C 3 -11.17 23.47 11.99
C THR C 3 -9.86 22.89 11.44
N PRO C 4 -9.87 21.66 10.93
CA PRO C 4 -8.62 21.07 10.46
C PRO C 4 -8.21 21.59 9.09
N ASP C 5 -6.91 21.84 8.95
CA ASP C 5 -6.35 22.18 7.64
C ASP C 5 -6.37 20.99 6.69
N ARG C 6 -6.30 19.77 7.22
CA ARG C 6 -6.14 18.59 6.40
C ARG C 6 -7.23 17.59 6.73
N LEU C 7 -7.71 16.88 5.70
CA LEU C 7 -8.77 15.90 5.89
C LEU C 7 -8.41 14.94 7.02
N GLN C 8 -9.39 14.66 7.88
CA GLN C 8 -9.22 13.81 9.04
C GLN C 8 -9.88 12.46 8.80
N GLN C 9 -9.45 11.48 9.59
CA GLN C 9 -9.98 10.13 9.53
C GLN C 9 -10.03 9.61 10.97
N ALA C 10 -10.92 8.63 11.22
CA ALA C 10 -10.92 7.93 12.50
C ALA C 10 -11.56 6.56 12.31
N SER C 11 -11.02 5.56 13.01
CA SER C 11 -11.64 4.25 13.04
C SER C 11 -12.57 4.17 14.24
N LEU C 12 -13.67 3.43 14.08
CA LEU C 12 -14.70 3.39 15.10
C LEU C 12 -15.60 2.20 14.85
N PRO C 13 -16.15 1.58 15.89
CA PRO C 13 -17.00 0.40 15.72
C PRO C 13 -18.46 0.74 15.47
N LEU C 14 -19.09 -0.10 14.66
CA LEU C 14 -20.55 -0.08 14.52
C LEU C 14 -21.21 -0.55 15.82
N LEU C 15 -22.37 0.04 16.12
CA LEU C 15 -23.18 -0.37 17.25
C LEU C 15 -24.45 -1.09 16.76
N SER C 16 -24.96 -1.99 17.60
CA SER C 16 -26.29 -2.51 17.34
C SER C 16 -27.33 -1.45 17.65
N ASN C 17 -28.43 -1.46 16.89
CA ASN C 17 -29.46 -0.45 17.10
C ASN C 17 -30.09 -0.55 18.48
N THR C 18 -30.05 -1.72 19.11
CA THR C 18 -30.53 -1.83 20.49
C THR C 18 -29.59 -1.09 21.45
N ASN C 19 -28.28 -1.26 21.26
CA ASN C 19 -27.32 -0.56 22.12
C ASN C 19 -27.30 0.93 21.83
N CYS C 20 -27.53 1.32 20.57
CA CYS C 20 -27.61 2.74 20.26
C CYS C 20 -28.81 3.38 20.93
N LYS C 21 -29.93 2.66 20.99
CA LYS C 21 -31.12 3.19 21.65
C LYS C 21 -30.93 3.34 23.15
N LYS C 22 -29.96 2.65 23.73
CA LYS C 22 -29.62 2.88 25.13
C LYS C 22 -29.13 4.30 25.35
N TYR C 23 -28.60 4.95 24.32
CA TYR C 23 -28.24 6.35 24.38
C TYR C 23 -29.36 7.25 23.85
N TRP C 24 -29.84 6.98 22.63
CA TRP C 24 -30.70 7.90 21.91
C TRP C 24 -32.18 7.55 21.95
N GLY C 25 -32.55 6.41 22.50
CA GLY C 25 -33.98 6.12 22.66
C GLY C 25 -34.69 5.98 21.34
N THR C 26 -35.94 6.45 21.30
CA THR C 26 -36.81 6.30 20.14
C THR C 26 -36.39 7.16 18.95
N LYS C 27 -35.35 7.98 19.08
CA LYS C 27 -34.88 8.74 17.92
C LYS C 27 -34.24 7.86 16.86
N ILE C 28 -33.86 6.63 17.20
CA ILE C 28 -33.16 5.75 16.28
C ILE C 28 -34.18 4.98 15.45
N LYS C 29 -34.14 5.19 14.14
CA LYS C 29 -35.05 4.54 13.19
C LYS C 29 -34.32 3.47 12.41
N ASP C 30 -35.09 2.65 11.69
CA ASP C 30 -34.49 1.53 10.98
C ASP C 30 -33.53 2.00 9.90
N ALA C 31 -33.78 3.18 9.31
CA ALA C 31 -32.88 3.72 8.29
C ALA C 31 -31.69 4.48 8.89
N MET C 32 -31.37 4.25 10.16
CA MET C 32 -30.18 4.80 10.79
C MET C 32 -29.28 3.68 11.28
N ILE C 33 -27.99 3.97 11.33
CA ILE C 33 -27.02 3.06 11.94
C ILE C 33 -26.10 3.90 12.80
N CYS C 34 -25.72 3.36 13.96
CA CYS C 34 -24.89 4.10 14.89
C CYS C 34 -23.48 3.53 14.92
N ALA C 35 -22.53 4.39 15.26
CA ALA C 35 -21.13 4.00 15.33
C ALA C 35 -20.40 4.95 16.28
N GLY C 36 -19.37 4.43 16.92
CA GLY C 36 -18.52 5.25 17.77
C GLY C 36 -18.79 5.02 19.24
N ALA C 37 -18.93 6.12 19.99
CA ALA C 37 -18.98 6.10 21.46
C ALA C 37 -17.72 5.44 22.03
N SER C 38 -16.62 5.52 21.27
CA SER C 38 -15.43 4.72 21.52
C SER C 38 -14.17 5.58 21.62
N GLY C 39 -14.32 6.89 21.81
CA GLY C 39 -13.18 7.78 21.90
C GLY C 39 -13.04 8.73 20.72
N VAL C 40 -13.87 8.62 19.69
CA VAL C 40 -13.89 9.56 18.58
C VAL C 40 -15.34 9.96 18.33
N SER C 41 -15.52 11.03 17.57
CA SER C 41 -16.87 11.51 17.29
C SER C 41 -16.85 12.33 16.00
N SER C 42 -17.81 12.07 15.12
CA SER C 42 -18.10 13.04 14.06
C SER C 42 -18.52 14.36 14.71
N CYS C 43 -18.25 15.47 14.03
CA CYS C 43 -18.55 16.77 14.61
C CYS C 43 -18.89 17.75 13.49
N MET C 44 -19.27 18.96 13.88
N MET C 44 -19.27 18.97 13.88
CA MET C 44 -19.81 19.96 12.96
CA MET C 44 -19.78 19.99 12.97
C MET C 44 -18.91 20.17 11.75
C MET C 44 -18.89 20.17 11.74
N GLY C 45 -19.47 19.91 10.57
CA GLY C 45 -18.74 19.95 9.32
C GLY C 45 -18.50 18.59 8.71
N ASP C 46 -18.66 17.52 9.48
CA ASP C 46 -18.57 16.16 8.96
C ASP C 46 -19.87 15.69 8.30
N SER C 47 -20.98 16.40 8.53
CA SER C 47 -22.29 16.03 7.96
C SER C 47 -22.21 15.71 6.48
N GLY C 48 -22.90 14.64 6.08
CA GLY C 48 -22.94 14.22 4.70
C GLY C 48 -21.79 13.35 4.25
N GLY C 49 -20.72 13.26 5.06
CA GLY C 49 -19.55 12.51 4.67
C GLY C 49 -19.71 11.03 4.92
N PRO C 50 -18.69 10.27 4.54
CA PRO C 50 -18.81 8.80 4.55
C PRO C 50 -18.46 8.12 5.87
N LEU C 51 -19.18 7.04 6.12
CA LEU C 51 -18.78 5.97 7.04
C LEU C 51 -18.61 4.72 6.18
N VAL C 52 -17.38 4.22 6.07
CA VAL C 52 -17.07 3.11 5.17
C VAL C 52 -16.58 1.92 5.98
N CYS C 53 -16.93 0.71 5.50
CA CYS C 53 -16.44 -0.55 6.05
C CYS C 53 -15.96 -1.42 4.90
N LYS C 54 -15.04 -2.33 5.20
CA LYS C 54 -14.50 -3.21 4.17
C LYS C 54 -15.51 -4.27 3.78
N LYS C 55 -15.59 -4.55 2.49
CA LYS C 55 -16.36 -5.67 1.97
C LYS C 55 -15.62 -6.16 0.74
N ASN C 56 -15.17 -7.42 0.77
CA ASN C 56 -14.33 -7.97 -0.30
C ASN C 56 -13.06 -7.15 -0.50
N GLY C 57 -12.50 -6.65 0.60
CA GLY C 57 -11.29 -5.87 0.56
C GLY C 57 -11.43 -4.43 0.10
N ALA C 58 -12.65 -3.99 -0.23
CA ALA C 58 -12.89 -2.65 -0.74
C ALA C 58 -13.79 -1.87 0.21
N TRP C 59 -13.52 -0.57 0.31
CA TRP C 59 -14.31 0.28 1.19
C TRP C 59 -15.71 0.49 0.60
N THR C 60 -16.72 0.21 1.41
CA THR C 60 -18.11 0.24 0.97
C THR C 60 -18.86 1.21 1.86
N LEU C 61 -19.71 2.05 1.25
CA LEU C 61 -20.38 3.10 2.00
C LEU C 61 -21.48 2.49 2.86
N VAL C 62 -21.29 2.51 4.18
CA VAL C 62 -22.22 1.87 5.11
C VAL C 62 -23.09 2.92 5.79
N GLY C 63 -22.54 4.12 5.99
CA GLY C 63 -23.29 5.19 6.63
C GLY C 63 -22.95 6.53 6.02
N ILE C 64 -23.86 7.49 6.23
CA ILE C 64 -23.67 8.89 5.89
C ILE C 64 -23.85 9.71 7.16
N VAL C 65 -22.87 10.56 7.48
CA VAL C 65 -22.92 11.34 8.73
C VAL C 65 -24.23 12.11 8.80
N SER C 66 -25.03 11.82 9.83
CA SER C 66 -26.36 12.36 9.95
C SER C 66 -26.47 13.32 11.14
N TRP C 67 -26.26 12.83 12.36
CA TRP C 67 -26.25 13.68 13.55
C TRP C 67 -25.57 12.92 14.67
N GLY C 68 -25.28 13.62 15.75
CA GLY C 68 -24.56 13.04 16.86
C GLY C 68 -24.67 13.88 18.10
N SER C 69 -23.68 13.75 18.98
CA SER C 69 -23.72 14.45 20.26
C SER C 69 -23.79 15.96 20.04
N SER C 70 -24.62 16.62 20.85
CA SER C 70 -24.70 18.08 20.83
C SER C 70 -23.34 18.73 21.06
N THR C 71 -22.46 18.08 21.82
CA THR C 71 -21.12 18.60 22.08
C THR C 71 -20.04 17.69 21.49
N CYS C 72 -20.41 16.82 20.55
CA CYS C 72 -19.45 15.91 19.92
C CYS C 72 -18.72 15.07 20.98
N SER C 73 -19.46 14.62 21.99
CA SER C 73 -18.91 13.74 23.01
C SER C 73 -18.43 12.43 22.41
N THR C 74 -17.22 12.02 22.75
CA THR C 74 -16.66 10.78 22.22
C THR C 74 -17.12 9.54 22.99
N SER C 75 -17.93 9.72 24.04
CA SER C 75 -18.56 8.61 24.74
C SER C 75 -20.01 8.42 24.34
N THR C 76 -20.48 9.16 23.33
CA THR C 76 -21.82 9.09 22.80
C THR C 76 -21.77 8.64 21.35
N PRO C 77 -22.61 7.70 20.93
CA PRO C 77 -22.54 7.22 19.54
C PRO C 77 -23.05 8.24 18.55
N GLY C 78 -22.36 8.33 17.41
CA GLY C 78 -22.87 9.08 16.29
C GLY C 78 -23.92 8.30 15.53
N VAL C 79 -24.81 9.03 14.87
CA VAL C 79 -25.91 8.45 14.09
C VAL C 79 -25.67 8.74 12.61
N TYR C 80 -25.82 7.71 11.79
CA TYR C 80 -25.51 7.74 10.35
C TYR C 80 -26.72 7.25 9.59
N ALA C 81 -26.94 7.81 8.40
CA ALA C 81 -27.94 7.25 7.50
C ALA C 81 -27.51 5.84 7.09
N ARG C 82 -28.39 4.86 7.27
CA ARG C 82 -28.03 3.47 7.00
C ARG C 82 -28.15 3.20 5.50
N VAL C 83 -27.00 3.10 4.83
CA VAL C 83 -27.03 3.03 3.36
C VAL C 83 -27.66 1.72 2.87
N THR C 84 -27.51 0.62 3.60
CA THR C 84 -28.17 -0.62 3.16
C THR C 84 -29.69 -0.43 3.06
N ALA C 85 -30.26 0.43 3.91
CA ALA C 85 -31.68 0.73 3.85
C ALA C 85 -32.03 1.75 2.78
N LEU C 86 -31.03 2.41 2.19
CA LEU C 86 -31.25 3.49 1.24
C LEU C 86 -30.66 3.24 -0.13
N VAL C 87 -29.88 2.17 -0.31
CA VAL C 87 -29.17 1.96 -1.57
C VAL C 87 -30.13 1.55 -2.68
N ASN C 88 -31.26 0.90 -2.34
CA ASN C 88 -32.24 0.60 -3.38
C ASN C 88 -32.75 1.89 -4.02
N TRP C 89 -32.99 2.92 -3.21
CA TRP C 89 -33.39 4.21 -3.75
C TRP C 89 -32.27 4.85 -4.56
N VAL C 90 -31.03 4.77 -4.07
CA VAL C 90 -29.89 5.32 -4.80
C VAL C 90 -29.81 4.70 -6.20
N GLN C 91 -29.80 3.37 -6.27
CA GLN C 91 -29.66 2.70 -7.56
C GLN C 91 -30.83 3.00 -8.50
N GLN C 92 -32.05 3.08 -7.95
CA GLN C 92 -33.19 3.44 -8.78
C GLN C 92 -33.05 4.87 -9.32
N THR C 93 -32.59 5.80 -8.48
CA THR C 93 -32.43 7.18 -8.93
C THR C 93 -31.39 7.26 -10.04
N LEU C 94 -30.27 6.56 -9.87
CA LEU C 94 -29.25 6.54 -10.93
C LEU C 94 -29.82 5.95 -12.22
N ALA C 95 -30.57 4.85 -12.12
CA ALA C 95 -31.12 4.23 -13.33
C ALA C 95 -32.10 5.13 -14.05
N ALA C 96 -32.86 5.95 -13.31
CA ALA C 96 -33.88 6.78 -13.92
C ALA C 96 -33.34 8.11 -14.40
N ASN C 97 -32.07 8.40 -14.18
CA ASN C 97 -31.52 9.70 -14.56
C ASN C 97 -30.15 9.58 -15.20
N CYS D 1 -11.87 -0.31 -11.06
CA CYS D 1 -10.99 -1.23 -11.77
C CYS D 1 -9.53 -0.84 -11.59
N GLY D 2 -8.63 -1.79 -11.81
CA GLY D 2 -7.22 -1.48 -11.94
C GLY D 2 -6.49 -1.10 -10.66
N VAL D 3 -7.11 -1.21 -9.49
CA VAL D 3 -6.39 -0.96 -8.25
C VAL D 3 -6.53 -2.17 -7.34
N PRO D 4 -5.56 -3.08 -7.32
CA PRO D 4 -5.66 -4.27 -6.47
C PRO D 4 -5.80 -3.89 -4.99
N ALA D 5 -6.69 -4.60 -4.30
CA ALA D 5 -6.76 -4.47 -2.84
C ALA D 5 -5.44 -4.83 -2.20
N ILE D 6 -4.75 -5.83 -2.76
CA ILE D 6 -3.42 -6.23 -2.33
C ILE D 6 -2.42 -5.59 -3.29
N GLN D 7 -1.75 -4.56 -2.82
CA GLN D 7 -0.89 -3.77 -3.69
C GLN D 7 0.29 -4.61 -4.20
N PRO D 8 0.57 -4.61 -5.51
CA PRO D 8 1.75 -5.34 -6.00
C PRO D 8 3.03 -4.72 -5.46
N VAL D 9 4.02 -5.59 -5.24
CA VAL D 9 5.29 -5.21 -4.62
C VAL D 9 6.45 -5.63 -5.51
N LEU D 10 7.31 -4.69 -5.86
CA LEU D 10 8.54 -5.02 -6.55
C LEU D 10 9.58 -5.42 -5.49
N SER D 11 10.34 -6.47 -5.75
CA SER D 11 11.18 -7.03 -4.71
C SER D 11 12.67 -6.84 -4.94
N GLY D 12 13.12 -6.87 -6.20
CA GLY D 12 14.53 -6.66 -6.47
C GLY D 12 15.36 -7.87 -6.05
N LEU D 13 16.66 -7.62 -5.93
CA LEU D 13 17.59 -8.68 -5.54
C LEU D 13 17.40 -9.05 -4.08
N ILE E 1 7.69 -15.57 -18.02
CA ILE E 1 8.52 -14.35 -17.97
C ILE E 1 9.95 -14.67 -17.55
N VAL E 2 10.89 -14.38 -18.43
CA VAL E 2 12.31 -14.55 -18.12
C VAL E 2 12.80 -13.33 -17.37
N ASN E 3 13.54 -13.58 -16.28
CA ASN E 3 14.15 -12.53 -15.45
CA ASN E 3 14.15 -12.53 -15.45
C ASN E 3 13.11 -11.66 -14.74
N GLY E 4 11.93 -12.21 -14.48
CA GLY E 4 10.95 -11.54 -13.65
C GLY E 4 11.12 -11.97 -12.21
N GLU E 5 10.04 -11.87 -11.45
CA GLU E 5 10.09 -12.30 -10.05
C GLU E 5 8.70 -12.71 -9.60
N GLU E 6 8.63 -13.40 -8.46
CA GLU E 6 7.34 -13.80 -7.93
C GLU E 6 6.52 -12.57 -7.51
N ALA E 7 5.24 -12.60 -7.86
CA ALA E 7 4.32 -11.57 -7.43
C ALA E 7 3.80 -11.90 -6.03
N VAL E 8 3.38 -10.87 -5.31
CA VAL E 8 2.68 -11.09 -4.04
C VAL E 8 1.36 -11.79 -4.33
N PRO E 9 1.02 -12.85 -3.60
CA PRO E 9 -0.21 -13.61 -3.94
C PRO E 9 -1.43 -12.71 -3.88
N GLY E 10 -2.18 -12.70 -4.97
CA GLY E 10 -3.39 -11.90 -5.06
C GLY E 10 -3.21 -10.48 -5.56
N SER E 11 -1.97 -10.05 -5.83
CA SER E 11 -1.73 -8.65 -6.14
C SER E 11 -1.99 -8.30 -7.60
N TRP E 12 -2.25 -9.28 -8.47
CA TRP E 12 -2.71 -9.05 -9.83
C TRP E 12 -4.05 -9.76 -9.98
N PRO E 13 -5.12 -9.21 -9.40
CA PRO E 13 -6.36 -9.98 -9.23
C PRO E 13 -7.13 -10.23 -10.51
N TRP E 14 -6.78 -9.56 -11.61
CA TRP E 14 -7.42 -9.83 -12.89
C TRP E 14 -6.72 -10.94 -13.68
N GLN E 15 -5.52 -11.35 -13.27
CA GLN E 15 -4.80 -12.39 -14.00
C GLN E 15 -5.52 -13.73 -13.84
N VAL E 16 -5.82 -14.37 -14.95
CA VAL E 16 -6.41 -15.70 -14.91
C VAL E 16 -5.51 -16.66 -15.67
N SER E 17 -5.69 -17.94 -15.38
CA SER E 17 -5.05 -19.02 -16.11
C SER E 17 -6.13 -19.75 -16.89
N LEU E 18 -5.88 -19.96 -18.18
CA LEU E 18 -6.79 -20.71 -19.03
C LEU E 18 -6.27 -22.14 -19.09
N GLN E 19 -7.12 -23.08 -18.70
CA GLN E 19 -6.78 -24.49 -18.66
C GLN E 19 -7.62 -25.24 -19.68
N ASP E 20 -7.02 -26.23 -20.33
CA ASP E 20 -7.78 -27.05 -21.26
C ASP E 20 -8.52 -28.13 -20.47
N LYS E 21 -9.16 -29.06 -21.20
CA LYS E 21 -9.93 -30.12 -20.56
C LYS E 21 -9.11 -30.99 -19.62
N THR E 22 -7.79 -31.06 -19.79
CA THR E 22 -6.97 -31.87 -18.91
C THR E 22 -6.52 -31.14 -17.65
N GLY E 23 -6.81 -29.85 -17.54
CA GLY E 23 -6.30 -29.03 -16.46
C GLY E 23 -4.99 -28.35 -16.75
N PHE E 24 -4.50 -28.46 -17.98
CA PHE E 24 -3.21 -27.90 -18.41
C PHE E 24 -3.34 -26.40 -18.65
N HIS E 25 -2.61 -25.58 -17.88
CA HIS E 25 -2.50 -24.17 -18.22
C HIS E 25 -1.88 -24.02 -19.59
N PHE E 26 -2.56 -23.28 -20.48
CA PHE E 26 -2.04 -23.04 -21.82
C PHE E 26 -1.96 -21.56 -22.20
N CYS E 27 -2.61 -20.67 -21.47
CA CYS E 27 -2.56 -19.24 -21.76
C CYS E 27 -2.99 -18.47 -20.52
N GLY E 28 -2.61 -17.20 -20.46
CA GLY E 28 -3.18 -16.28 -19.50
C GLY E 28 -4.35 -15.50 -20.10
N GLY E 29 -4.94 -14.66 -19.26
CA GLY E 29 -6.02 -13.78 -19.65
C GLY E 29 -6.26 -12.76 -18.55
N SER E 30 -7.17 -11.81 -18.81
CA SER E 30 -7.45 -10.74 -17.86
C SER E 30 -8.95 -10.57 -17.67
N LEU E 31 -9.42 -10.63 -16.43
CA LEU E 31 -10.80 -10.25 -16.14
C LEU E 31 -10.99 -8.76 -16.41
N ILE E 32 -12.05 -8.41 -17.15
CA ILE E 32 -12.39 -7.00 -17.34
C ILE E 32 -13.70 -6.62 -16.63
N ASN E 33 -14.51 -7.60 -16.23
CA ASN E 33 -15.65 -7.45 -15.32
C ASN E 33 -16.00 -8.87 -14.87
N GLU E 34 -17.09 -8.99 -14.10
CA GLU E 34 -17.43 -10.29 -13.52
C GLU E 34 -17.79 -11.33 -14.56
N ASN E 35 -18.09 -10.93 -15.79
CA ASN E 35 -18.62 -11.86 -16.77
C ASN E 35 -17.73 -12.06 -17.99
N TRP E 36 -16.60 -11.37 -18.10
CA TRP E 36 -15.83 -11.36 -19.33
C TRP E 36 -14.32 -11.39 -19.06
N VAL E 37 -13.63 -12.21 -19.84
CA VAL E 37 -12.17 -12.28 -19.83
C VAL E 37 -11.67 -11.92 -21.23
N VAL E 38 -10.60 -11.14 -21.30
CA VAL E 38 -9.96 -10.82 -22.58
C VAL E 38 -8.63 -11.57 -22.64
N THR E 39 -8.35 -12.16 -23.80
CA THR E 39 -7.15 -12.95 -23.98
C THR E 39 -6.73 -12.82 -25.43
N ALA E 40 -5.73 -13.59 -25.85
CA ALA E 40 -5.23 -13.53 -27.22
C ALA E 40 -6.02 -14.47 -28.12
N ALA E 41 -6.25 -14.04 -29.36
CA ALA E 41 -6.90 -14.93 -30.32
C ALA E 41 -6.04 -16.15 -30.63
N HIS E 42 -4.71 -15.98 -30.68
CA HIS E 42 -3.86 -17.12 -31.04
C HIS E 42 -3.87 -18.21 -29.98
N CYS E 43 -4.48 -17.97 -28.81
CA CYS E 43 -4.63 -19.02 -27.82
C CYS E 43 -5.66 -20.07 -28.22
N GLY E 44 -6.54 -19.76 -29.16
CA GLY E 44 -7.49 -20.76 -29.66
C GLY E 44 -8.44 -21.30 -28.62
N VAL E 45 -8.90 -20.43 -27.71
CA VAL E 45 -9.77 -20.87 -26.62
C VAL E 45 -11.09 -21.39 -27.19
N THR E 46 -11.64 -22.42 -26.57
CA THR E 46 -12.96 -22.96 -26.90
C THR E 46 -13.77 -23.06 -25.60
N THR E 47 -15.04 -23.46 -25.74
CA THR E 47 -15.93 -23.58 -24.59
C THR E 47 -15.65 -24.80 -23.72
N SER E 48 -14.75 -25.68 -24.13
CA SER E 48 -14.32 -26.75 -23.24
C SER E 48 -13.12 -26.36 -22.39
N ASP E 49 -12.55 -25.16 -22.60
CA ASP E 49 -11.52 -24.64 -21.72
C ASP E 49 -12.14 -23.98 -20.49
N VAL E 50 -11.34 -23.82 -19.45
CA VAL E 50 -11.82 -23.30 -18.19
C VAL E 50 -11.00 -22.09 -17.78
N VAL E 51 -11.66 -21.08 -17.24
CA VAL E 51 -11.01 -19.90 -16.69
C VAL E 51 -10.79 -20.12 -15.20
N VAL E 52 -9.54 -20.09 -14.77
CA VAL E 52 -9.18 -20.21 -13.35
C VAL E 52 -8.80 -18.83 -12.84
N ALA E 53 -9.59 -18.31 -11.89
CA ALA E 53 -9.35 -17.02 -11.25
C ALA E 53 -8.93 -17.22 -9.80
N GLY E 54 -8.20 -16.25 -9.26
CA GLY E 54 -7.75 -16.29 -7.88
C GLY E 54 -6.54 -17.16 -7.63
N GLU E 55 -5.90 -17.68 -8.67
CA GLU E 55 -4.76 -18.56 -8.49
C GLU E 55 -3.47 -17.75 -8.55
N PHE E 56 -2.60 -17.96 -7.56
CA PHE E 56 -1.32 -17.29 -7.52
C PHE E 56 -0.20 -18.17 -7.01
N ASP E 57 -0.50 -19.26 -6.29
CA ASP E 57 0.49 -20.16 -5.74
C ASP E 57 0.01 -21.56 -6.12
N GLN E 58 0.53 -22.09 -7.22
CA GLN E 58 0.21 -23.46 -7.60
C GLN E 58 0.81 -24.48 -6.64
N GLY E 59 1.72 -24.05 -5.75
CA GLY E 59 2.18 -24.89 -4.67
C GLY E 59 1.35 -24.79 -3.41
N SER E 60 0.19 -24.14 -3.49
CA SER E 60 -0.72 -23.94 -2.37
C SER E 60 -2.04 -24.63 -2.67
N SER E 61 -2.68 -25.13 -1.60
CA SER E 61 -3.99 -25.74 -1.69
C SER E 61 -5.05 -24.98 -0.89
N SER E 62 -4.71 -23.83 -0.32
CA SER E 62 -5.63 -23.06 0.51
C SER E 62 -6.12 -21.79 -0.18
N GLU E 63 -5.80 -21.61 -1.45
CA GLU E 63 -6.22 -20.40 -2.14
C GLU E 63 -7.69 -20.49 -2.52
N LYS E 64 -8.34 -19.33 -2.57
CA LYS E 64 -9.74 -19.24 -2.96
C LYS E 64 -9.81 -19.15 -4.48
N ILE E 65 -9.79 -20.33 -5.10
CA ILE E 65 -9.76 -20.50 -6.54
C ILE E 65 -11.18 -20.53 -7.08
N GLN E 66 -11.40 -19.91 -8.23
CA GLN E 66 -12.67 -20.02 -8.95
C GLN E 66 -12.39 -20.62 -10.32
N LYS E 67 -12.95 -21.80 -10.57
CA LYS E 67 -12.84 -22.46 -11.88
C LYS E 67 -14.13 -22.20 -12.63
N LEU E 68 -14.05 -21.35 -13.64
CA LEU E 68 -15.24 -20.79 -14.28
C LEU E 68 -15.36 -21.34 -15.69
N LYS E 69 -16.52 -21.93 -16.00
CA LYS E 69 -16.79 -22.42 -17.34
C LYS E 69 -17.03 -21.25 -18.29
N ILE E 70 -16.79 -21.52 -19.58
CA ILE E 70 -16.88 -20.51 -20.64
C ILE E 70 -18.13 -20.77 -21.46
N ALA E 71 -19.01 -19.76 -21.51
CA ALA E 71 -20.26 -19.92 -22.26
C ALA E 71 -20.05 -19.72 -23.76
N LYS E 72 -19.23 -18.75 -24.14
CA LYS E 72 -19.09 -18.43 -25.55
C LYS E 72 -17.76 -17.72 -25.77
N VAL E 73 -17.12 -18.00 -26.91
CA VAL E 73 -15.85 -17.40 -27.29
C VAL E 73 -16.12 -16.43 -28.45
N PHE E 74 -15.59 -15.22 -28.34
CA PHE E 74 -15.79 -14.17 -29.35
C PHE E 74 -14.41 -13.77 -29.89
N LYS E 75 -14.00 -14.44 -30.97
CA LYS E 75 -12.74 -14.12 -31.63
C LYS E 75 -12.92 -12.91 -32.51
N ASN E 76 -11.97 -11.97 -32.46
CA ASN E 76 -12.04 -10.81 -33.33
C ASN E 76 -11.98 -11.27 -34.78
N SER E 77 -13.01 -10.93 -35.56
CA SER E 77 -13.08 -11.35 -36.95
C SER E 77 -11.90 -10.84 -37.76
N LYS E 78 -11.23 -9.78 -37.32
CA LYS E 78 -10.06 -9.27 -38.04
C LYS E 78 -8.77 -10.01 -37.71
N TYR E 79 -8.82 -11.01 -36.82
CA TYR E 79 -7.60 -11.74 -36.47
C TYR E 79 -6.98 -12.38 -37.71
N ASN E 80 -5.68 -12.19 -37.88
CA ASN E 80 -4.97 -12.74 -39.02
C ASN E 80 -4.05 -13.84 -38.51
N SER E 81 -4.37 -15.09 -38.85
CA SER E 81 -3.63 -16.23 -38.32
C SER E 81 -2.20 -16.31 -38.86
N LEU E 82 -1.86 -15.55 -39.90
CA LEU E 82 -0.52 -15.56 -40.45
C LEU E 82 0.34 -14.44 -39.86
N THR E 83 -0.17 -13.22 -39.84
CA THR E 83 0.56 -12.10 -39.27
C THR E 83 0.37 -11.96 -37.77
N ILE E 84 -0.65 -12.62 -37.21
CA ILE E 84 -1.01 -12.57 -35.79
C ILE E 84 -1.50 -11.16 -35.45
N ASN E 85 -1.95 -10.41 -36.45
CA ASN E 85 -2.47 -9.08 -36.18
C ASN E 85 -3.90 -9.15 -35.65
N ASN E 86 -4.27 -8.16 -34.83
CA ASN E 86 -5.57 -8.12 -34.18
C ASN E 86 -5.78 -9.33 -33.28
N ASP E 87 -4.82 -9.57 -32.38
CA ASP E 87 -4.70 -10.81 -31.63
C ASP E 87 -5.48 -10.72 -30.31
N ILE E 88 -6.81 -10.76 -30.42
CA ILE E 88 -7.65 -10.57 -29.24
C ILE E 88 -8.91 -11.42 -29.36
N THR E 89 -9.32 -11.99 -28.23
CA THR E 89 -10.52 -12.79 -28.14
C THR E 89 -11.21 -12.51 -26.81
N LEU E 90 -12.53 -12.49 -26.81
CA LEU E 90 -13.31 -12.30 -25.60
C LEU E 90 -13.96 -13.61 -25.19
N LEU E 91 -13.94 -13.88 -23.90
CA LEU E 91 -14.56 -15.07 -23.31
C LEU E 91 -15.69 -14.61 -22.42
N LYS E 92 -16.90 -15.09 -22.68
CA LYS E 92 -18.04 -14.86 -21.80
C LYS E 92 -18.21 -16.05 -20.87
N LEU E 93 -18.22 -15.78 -19.57
CA LEU E 93 -18.31 -16.84 -18.57
C LEU E 93 -19.74 -17.34 -18.43
N SER E 94 -19.89 -18.66 -18.20
CA SER E 94 -21.21 -19.22 -17.93
C SER E 94 -21.76 -18.71 -16.61
N THR E 95 -20.90 -18.67 -15.60
CA THR E 95 -21.22 -18.12 -14.29
C THR E 95 -20.28 -16.97 -14.01
N ALA E 96 -20.83 -15.86 -13.51
CA ALA E 96 -20.01 -14.70 -13.20
C ALA E 96 -18.97 -15.04 -12.14
N ALA E 97 -17.77 -14.50 -12.32
CA ALA E 97 -16.79 -14.54 -11.25
C ALA E 97 -17.31 -13.77 -10.04
N SER E 98 -16.92 -14.24 -8.86
CA SER E 98 -17.26 -13.59 -7.59
C SER E 98 -16.06 -12.73 -7.19
N PHE E 99 -16.19 -11.41 -7.33
CA PHE E 99 -15.04 -10.56 -7.06
C PHE E 99 -14.74 -10.53 -5.57
N SER E 100 -13.48 -10.32 -5.25
CA SER E 100 -12.99 -10.42 -3.88
C SER E 100 -11.69 -9.66 -3.80
N GLN E 101 -11.03 -9.72 -2.65
CA GLN E 101 -9.75 -9.03 -2.55
C GLN E 101 -8.68 -9.65 -3.45
N THR E 102 -8.87 -10.89 -3.91
CA THR E 102 -7.89 -11.51 -4.83
C THR E 102 -8.41 -11.68 -6.24
N VAL E 103 -9.67 -11.30 -6.53
CA VAL E 103 -10.23 -11.46 -7.87
C VAL E 103 -10.99 -10.19 -8.21
N SER E 104 -10.53 -9.46 -9.21
CA SER E 104 -11.19 -8.22 -9.63
C SER E 104 -10.70 -7.86 -11.03
N ALA E 105 -11.13 -6.70 -11.53
CA ALA E 105 -10.98 -6.36 -12.94
C ALA E 105 -9.86 -5.36 -13.21
N VAL E 106 -9.20 -5.53 -14.37
CA VAL E 106 -8.27 -4.53 -14.90
C VAL E 106 -9.08 -3.47 -15.63
N CYS E 107 -8.54 -2.25 -15.73
CA CYS E 107 -9.20 -1.21 -16.51
C CYS E 107 -8.90 -1.36 -17.99
N LEU E 108 -9.86 -0.97 -18.81
CA LEU E 108 -9.69 -0.90 -20.25
C LEU E 108 -9.38 0.53 -20.67
N PRO E 109 -8.50 0.73 -21.66
CA PRO E 109 -8.17 2.09 -22.08
C PRO E 109 -9.27 2.63 -23.00
N SER E 110 -9.18 3.92 -23.25
CA SER E 110 -9.88 4.53 -24.36
C SER E 110 -9.04 4.41 -25.62
N ALA E 111 -9.73 4.28 -26.76
CA ALA E 111 -9.02 4.15 -28.04
C ALA E 111 -8.11 5.35 -28.33
N SER E 112 -8.40 6.51 -27.74
CA SER E 112 -7.58 7.70 -27.94
C SER E 112 -6.45 7.83 -26.93
N ASP E 113 -6.34 6.92 -25.97
CA ASP E 113 -5.30 7.03 -24.95
C ASP E 113 -3.91 6.94 -25.59
N ASP E 114 -2.99 7.77 -25.08
CA ASP E 114 -1.61 7.82 -25.54
C ASP E 114 -0.71 7.24 -24.46
N PHE E 115 -0.21 6.03 -24.68
CA PHE E 115 0.82 5.42 -23.83
C PHE E 115 2.14 5.54 -24.58
N ALA E 116 2.94 6.53 -24.22
CA ALA E 116 4.11 6.88 -25.00
C ALA E 116 5.25 5.87 -24.83
N ALA E 117 6.12 5.84 -25.84
CA ALA E 117 7.32 5.01 -25.77
C ALA E 117 8.16 5.43 -24.58
N GLY E 118 8.76 4.45 -23.90
CA GLY E 118 9.53 4.68 -22.70
C GLY E 118 8.76 4.54 -21.41
N THR E 119 7.44 4.56 -21.46
CA THR E 119 6.62 4.31 -20.29
C THR E 119 6.97 2.96 -19.68
N THR E 120 7.15 2.93 -18.35
CA THR E 120 7.40 1.68 -17.65
C THR E 120 6.07 1.00 -17.35
N CYS E 121 5.92 -0.23 -17.83
CA CYS E 121 4.70 -0.98 -17.59
C CYS E 121 5.03 -2.32 -16.95
N VAL E 122 4.03 -3.19 -16.77
CA VAL E 122 4.22 -4.47 -16.11
C VAL E 122 3.50 -5.53 -16.91
N THR E 123 4.13 -6.68 -17.08
CA THR E 123 3.47 -7.87 -17.58
C THR E 123 3.58 -8.99 -16.53
N THR E 124 2.58 -9.86 -16.52
CA THR E 124 2.48 -10.93 -15.53
C THR E 124 2.09 -12.23 -16.23
N GLY E 125 2.46 -13.36 -15.65
CA GLY E 125 2.06 -14.62 -16.23
C GLY E 125 2.77 -15.82 -15.63
N TRP E 126 2.33 -16.99 -16.11
CA TRP E 126 2.87 -18.27 -15.66
CA TRP E 126 2.83 -18.30 -15.68
C TRP E 126 3.82 -18.91 -16.67
N GLY E 127 4.25 -18.16 -17.68
CA GLY E 127 5.16 -18.72 -18.67
C GLY E 127 6.54 -19.04 -18.11
N LEU E 128 7.36 -19.66 -18.95
CA LEU E 128 8.69 -20.09 -18.54
C LEU E 128 9.52 -18.91 -18.04
N THR E 129 10.33 -19.15 -17.01
CA THR E 129 11.25 -18.16 -16.49
C THR E 129 12.62 -18.22 -17.14
N ARG E 130 12.83 -19.17 -18.04
CA ARG E 130 14.06 -19.36 -18.80
C ARG E 130 13.67 -20.15 -20.03
N TYR E 131 14.21 -19.80 -21.19
CA TYR E 131 13.81 -20.53 -22.39
C TYR E 131 14.03 -22.02 -22.20
N ALA F 1 12.54 -28.23 -14.42
CA ALA F 1 11.75 -27.42 -15.35
C ALA F 1 11.98 -25.94 -15.09
N ASN F 2 11.61 -25.10 -16.06
CA ASN F 2 11.62 -23.65 -15.90
C ASN F 2 10.21 -23.08 -15.71
N THR F 3 9.25 -23.92 -15.24
CA THR F 3 7.88 -23.50 -14.98
C THR F 3 7.76 -22.94 -13.57
N PRO F 4 7.23 -21.73 -13.38
CA PRO F 4 7.15 -21.17 -12.03
C PRO F 4 6.00 -21.76 -11.22
N ASP F 5 6.23 -21.87 -9.92
CA ASP F 5 5.19 -22.28 -8.98
C ASP F 5 4.25 -21.13 -8.63
N ARG F 6 4.69 -19.90 -8.80
CA ARG F 6 3.94 -18.74 -8.37
C ARG F 6 3.90 -17.73 -9.51
N LEU F 7 2.79 -17.01 -9.61
CA LEU F 7 2.64 -16.02 -10.67
C LEU F 7 3.82 -15.08 -10.68
N GLN F 8 4.34 -14.79 -11.89
CA GLN F 8 5.51 -13.94 -12.07
C GLN F 8 5.12 -12.57 -12.60
N GLN F 9 6.00 -11.60 -12.37
CA GLN F 9 5.81 -10.22 -12.80
C GLN F 9 7.15 -9.66 -13.25
N ALA F 10 7.09 -8.65 -14.11
CA ALA F 10 8.28 -7.92 -14.52
C ALA F 10 7.86 -6.54 -15.03
N SER F 11 8.66 -5.52 -14.72
CA SER F 11 8.48 -4.21 -15.31
C SER F 11 9.32 -4.10 -16.57
N LEU F 12 8.82 -3.35 -17.54
CA LEU F 12 9.48 -3.26 -18.83
C LEU F 12 8.95 -2.04 -19.58
N PRO F 13 9.76 -1.41 -20.41
CA PRO F 13 9.32 -0.21 -21.12
C PRO F 13 8.65 -0.51 -22.45
N LEU F 14 7.65 0.32 -22.76
CA LEU F 14 7.07 0.36 -24.09
C LEU F 14 8.10 0.85 -25.09
N LEU F 15 8.02 0.33 -26.32
CA LEU F 15 8.84 0.79 -27.43
C LEU F 15 7.99 1.53 -28.44
N SER F 16 8.60 2.46 -29.16
CA SER F 16 7.93 3.01 -30.33
C SER F 16 7.90 1.97 -31.44
N ASN F 17 6.82 1.99 -32.23
CA ASN F 17 6.71 1.02 -33.31
C ASN F 17 7.81 1.20 -34.35
N THR F 18 8.41 2.40 -34.43
CA THR F 18 9.56 2.59 -35.32
C THR F 18 10.78 1.85 -34.78
N ASN F 19 11.06 1.98 -33.48
CA ASN F 19 12.19 1.28 -32.90
CA ASN F 19 12.19 1.29 -32.86
C ASN F 19 11.98 -0.23 -32.87
N CYS F 20 10.72 -0.67 -32.74
CA CYS F 20 10.43 -2.09 -32.73
C CYS F 20 10.69 -2.71 -34.11
N LYS F 21 10.39 -1.96 -35.17
CA LYS F 21 10.61 -2.46 -36.52
C LYS F 21 12.09 -2.63 -36.84
N LYS F 22 12.99 -1.96 -36.11
CA LYS F 22 14.41 -2.23 -36.28
C LYS F 22 14.76 -3.66 -35.87
N TYR F 23 13.95 -4.29 -35.03
CA TYR F 23 14.12 -5.70 -34.70
C TYR F 23 13.27 -6.59 -35.59
N TRP F 24 11.97 -6.32 -35.68
CA TRP F 24 11.01 -7.24 -36.28
C TRP F 24 10.57 -6.85 -37.68
N GLY F 25 10.96 -5.66 -38.18
CA GLY F 25 10.65 -5.32 -39.56
C GLY F 25 9.16 -5.15 -39.81
N THR F 26 8.74 -5.53 -41.02
CA THR F 26 7.36 -5.34 -41.45
C THR F 26 6.37 -6.25 -40.73
N LYS F 27 6.83 -7.12 -39.84
CA LYS F 27 5.93 -7.94 -39.05
C LYS F 27 5.11 -7.12 -38.07
N ILE F 28 5.54 -5.89 -37.76
CA ILE F 28 4.88 -5.07 -36.77
C ILE F 28 3.80 -4.25 -37.46
N LYS F 29 2.55 -4.46 -37.05
CA LYS F 29 1.39 -3.79 -37.62
C LYS F 29 0.84 -2.77 -36.63
N ASP F 30 -0.08 -1.93 -37.12
CA ASP F 30 -0.60 -0.84 -36.28
C ASP F 30 -1.32 -1.35 -35.05
N ALA F 31 -1.94 -2.54 -35.13
CA ALA F 31 -2.63 -3.10 -33.98
C ALA F 31 -1.70 -3.87 -33.06
N MET F 32 -0.39 -3.65 -33.16
CA MET F 32 0.58 -4.23 -32.25
C MET F 32 1.33 -3.13 -31.52
N ILE F 33 1.79 -3.45 -30.33
CA ILE F 33 2.66 -2.57 -29.56
C ILE F 33 3.79 -3.42 -29.00
N CYS F 34 4.99 -2.85 -28.98
CA CYS F 34 6.15 -3.60 -28.51
C CYS F 34 6.60 -3.09 -27.15
N ALA F 35 7.22 -4.00 -26.40
CA ALA F 35 7.73 -3.66 -25.09
C ALA F 35 8.84 -4.62 -24.72
N GLY F 36 9.78 -4.13 -23.91
CA GLY F 36 10.85 -4.96 -23.41
C GLY F 36 12.19 -4.69 -24.06
N ALA F 37 12.86 -5.76 -24.51
CA ALA F 37 14.25 -5.71 -24.99
C ALA F 37 15.16 -5.08 -23.95
N SER F 38 14.79 -5.25 -22.68
CA SER F 38 15.36 -4.49 -21.57
C SER F 38 15.87 -5.39 -20.45
N GLY F 39 16.03 -6.68 -20.70
CA GLY F 39 16.48 -7.58 -19.66
C GLY F 39 15.43 -8.55 -19.18
N VAL F 40 14.19 -8.45 -19.67
CA VAL F 40 13.14 -9.40 -19.38
C VAL F 40 12.46 -9.79 -20.68
N SER F 41 11.69 -10.87 -20.63
CA SER F 41 10.97 -11.32 -21.81
C SER F 41 9.77 -12.16 -21.41
N SER F 42 8.62 -11.89 -22.03
CA SER F 42 7.54 -12.86 -22.01
C SER F 42 8.03 -14.15 -22.67
N CYS F 43 7.48 -15.29 -22.24
CA CYS F 43 7.96 -16.58 -22.73
C CYS F 43 6.80 -17.59 -22.71
N MET F 44 7.05 -18.76 -23.29
CA MET F 44 6.03 -19.78 -23.50
CA MET F 44 6.03 -19.78 -23.49
C MET F 44 5.15 -19.97 -22.27
N GLY F 45 3.85 -19.72 -22.45
CA GLY F 45 2.88 -19.78 -21.37
C GLY F 45 2.37 -18.43 -20.91
N ASP F 46 3.05 -17.34 -21.30
CA ASP F 46 2.56 -16.01 -20.99
C ASP F 46 1.53 -15.51 -22.00
N SER F 47 1.40 -16.18 -23.15
CA SER F 47 0.47 -15.77 -24.20
C SER F 47 -0.92 -15.46 -23.63
N GLY F 48 -1.53 -14.38 -24.13
CA GLY F 48 -2.87 -14.00 -23.75
C GLY F 48 -2.97 -13.19 -22.48
N GLY F 49 -1.90 -13.12 -21.69
CA GLY F 49 -1.92 -12.38 -20.45
C GLY F 49 -1.70 -10.90 -20.66
N PRO F 50 -1.73 -10.16 -19.55
CA PRO F 50 -1.77 -8.70 -19.62
C PRO F 50 -0.40 -8.02 -19.67
N LEU F 51 -0.39 -6.90 -20.41
CA LEU F 51 0.63 -5.85 -20.27
C LEU F 51 -0.14 -4.61 -19.82
N VAL F 52 0.12 -4.16 -18.59
CA VAL F 52 -0.65 -3.07 -17.99
C VAL F 52 0.27 -1.88 -17.72
N CYS F 53 -0.27 -0.68 -17.90
CA CYS F 53 0.40 0.57 -17.60
C CYS F 53 -0.55 1.43 -16.78
N LYS F 54 0.02 2.36 -16.03
CA LYS F 54 -0.77 3.23 -15.17
C LYS F 54 -1.49 4.31 -15.98
N LYS F 55 -2.77 4.53 -15.66
CA LYS F 55 -3.55 5.63 -16.21
C LYS F 55 -4.55 6.05 -15.14
N ASN F 56 -4.44 7.29 -14.68
CA ASN F 56 -5.23 7.78 -13.54
C ASN F 56 -4.92 7.00 -12.26
N GLY F 57 -3.66 6.59 -12.10
CA GLY F 57 -3.26 5.85 -10.93
C GLY F 57 -3.68 4.40 -10.91
N ALA F 58 -4.39 3.92 -11.93
CA ALA F 58 -4.92 2.56 -11.98
C ALA F 58 -4.29 1.79 -13.13
N TRP F 59 -4.13 0.48 -12.93
CA TRP F 59 -3.55 -0.37 -13.96
C TRP F 59 -4.54 -0.56 -15.10
N THR F 60 -4.08 -0.26 -16.30
CA THR F 60 -4.90 -0.24 -17.50
C THR F 60 -4.30 -1.18 -18.54
N LEU F 61 -5.14 -1.98 -19.17
CA LEU F 61 -4.68 -3.00 -20.11
C LEU F 61 -4.26 -2.34 -21.42
N VAL F 62 -2.95 -2.33 -21.68
CA VAL F 62 -2.38 -1.67 -22.85
C VAL F 62 -1.98 -2.71 -23.89
N GLY F 63 -1.61 -3.92 -23.42
CA GLY F 63 -1.21 -4.97 -24.33
C GLY F 63 -1.69 -6.34 -23.87
N ILE F 64 -1.74 -7.25 -24.83
CA ILE F 64 -2.01 -8.67 -24.59
C ILE F 64 -0.83 -9.44 -25.17
N VAL F 65 -0.20 -10.29 -24.34
CA VAL F 65 1.00 -11.00 -24.78
C VAL F 65 0.69 -11.78 -26.05
N SER F 66 1.37 -11.42 -27.13
CA SER F 66 1.05 -11.94 -28.46
C SER F 66 2.16 -12.81 -29.01
N TRP F 67 3.36 -12.27 -29.23
CA TRP F 67 4.48 -13.10 -29.67
C TRP F 67 5.77 -12.37 -29.37
N GLY F 68 6.88 -13.09 -29.47
CA GLY F 68 8.17 -12.52 -29.14
C GLY F 68 9.32 -13.36 -29.63
N SER F 69 10.48 -13.25 -28.98
CA SER F 69 11.66 -13.96 -29.43
C SER F 69 11.42 -15.46 -29.42
N SER F 70 11.89 -16.12 -30.48
CA SER F 70 11.83 -17.58 -30.56
C SER F 70 12.51 -18.24 -29.36
N THR F 71 13.50 -17.58 -28.79
CA THR F 71 14.24 -18.12 -27.64
C THR F 71 14.04 -17.28 -26.40
N CYS F 72 13.01 -16.43 -26.38
CA CYS F 72 12.72 -15.56 -25.25
C CYS F 72 13.94 -14.72 -24.88
N SER F 73 14.65 -14.25 -25.89
CA SER F 73 15.79 -13.37 -25.66
C SER F 73 15.35 -12.10 -24.96
N THR F 74 16.06 -11.72 -23.91
CA THR F 74 15.69 -10.51 -23.19
C THR F 74 16.24 -9.24 -23.83
N SER F 75 16.99 -9.34 -24.92
CA SER F 75 17.41 -8.17 -25.68
C SER F 75 16.59 -7.96 -26.94
N THR F 76 15.50 -8.72 -27.09
CA THR F 76 14.58 -8.64 -28.21
C THR F 76 13.23 -8.17 -27.69
N PRO F 77 12.57 -7.22 -28.33
CA PRO F 77 11.28 -6.76 -27.82
C PRO F 77 10.18 -7.78 -28.02
N GLY F 78 9.33 -7.91 -27.01
CA GLY F 78 8.10 -8.67 -27.15
C GLY F 78 7.04 -7.87 -27.88
N VAL F 79 6.13 -8.59 -28.54
CA VAL F 79 5.06 -7.98 -29.31
C VAL F 79 3.73 -8.31 -28.65
N TYR F 80 2.89 -7.28 -28.50
CA TYR F 80 1.63 -7.36 -27.77
C TYR F 80 0.51 -6.84 -28.67
N ALA F 81 -0.68 -7.41 -28.52
CA ALA F 81 -1.85 -6.82 -29.16
C ALA F 81 -2.09 -5.44 -28.56
N ARG F 82 -2.19 -4.42 -29.42
CA ARG F 82 -2.34 -3.04 -28.93
C ARG F 82 -3.80 -2.79 -28.55
N VAL F 83 -4.09 -2.74 -27.26
CA VAL F 83 -5.49 -2.73 -26.82
C VAL F 83 -6.20 -1.42 -27.20
N THR F 84 -5.48 -0.30 -27.27
CA THR F 84 -6.14 0.93 -27.71
C THR F 84 -6.71 0.78 -29.11
N ALA F 85 -6.08 -0.05 -29.95
CA ALA F 85 -6.59 -0.29 -31.30
C ALA F 85 -7.71 -1.32 -31.32
N LEU F 86 -7.93 -2.04 -30.23
CA LEU F 86 -8.89 -3.13 -30.20
C LEU F 86 -10.00 -2.93 -29.18
N VAL F 87 -9.92 -1.90 -28.33
CA VAL F 87 -10.89 -1.79 -27.25
C VAL F 87 -12.26 -1.36 -27.79
N ASN F 88 -12.32 -0.65 -28.92
CA ASN F 88 -13.61 -0.33 -29.51
C ASN F 88 -14.34 -1.60 -29.93
N TRP F 89 -13.61 -2.60 -30.45
CA TRP F 89 -14.24 -3.88 -30.72
C TRP F 89 -14.64 -4.59 -29.43
N VAL F 90 -13.82 -4.51 -28.39
CA VAL F 90 -14.21 -5.06 -27.09
C VAL F 90 -15.52 -4.46 -26.62
N GLN F 91 -15.61 -3.12 -26.59
CA GLN F 91 -16.83 -2.47 -26.13
C GLN F 91 -18.01 -2.84 -27.01
N GLN F 92 -17.78 -2.89 -28.34
CA GLN F 92 -18.81 -3.33 -29.27
C GLN F 92 -19.32 -4.73 -28.92
N THR F 93 -18.39 -5.65 -28.64
CA THR F 93 -18.79 -7.03 -28.35
C THR F 93 -19.60 -7.12 -27.06
N LEU F 94 -19.16 -6.42 -26.02
CA LEU F 94 -19.89 -6.40 -24.76
C LEU F 94 -21.28 -5.82 -24.91
N ALA F 95 -21.41 -4.71 -25.64
CA ALA F 95 -22.71 -4.08 -25.80
C ALA F 95 -23.68 -4.96 -26.57
N ALA F 96 -23.17 -5.81 -27.48
CA ALA F 96 -24.02 -6.67 -28.29
C ALA F 96 -24.34 -8.01 -27.63
N ASN F 97 -23.78 -8.30 -26.47
CA ASN F 97 -24.00 -9.60 -25.85
C ASN F 97 -24.26 -9.52 -24.35
N CYS G 1 14.19 -0.09 7.56
CA CYS G 1 14.57 0.96 6.61
C CYS G 1 13.95 0.65 5.25
N GLY G 2 13.84 1.67 4.42
CA GLY G 2 13.53 1.46 3.02
C GLY G 2 12.11 1.03 2.71
N VAL G 3 11.21 1.04 3.69
CA VAL G 3 9.81 0.72 3.44
C VAL G 3 8.95 1.87 3.96
N PRO G 4 8.58 2.83 3.12
CA PRO G 4 7.78 3.97 3.60
C PRO G 4 6.45 3.51 4.19
N ALA G 5 6.05 4.16 5.28
CA ALA G 5 4.71 3.92 5.81
C ALA G 5 3.65 4.31 4.79
N ILE G 6 3.92 5.36 4.03
CA ILE G 6 3.06 5.79 2.93
C ILE G 6 3.69 5.26 1.64
N GLN G 7 3.10 4.22 1.09
CA GLN G 7 3.73 3.54 -0.06
C GLN G 7 3.76 4.44 -1.29
N PRO G 8 4.89 4.57 -1.96
CA PRO G 8 4.93 5.40 -3.17
C PRO G 8 4.07 4.83 -4.28
N VAL G 9 3.50 5.73 -5.09
CA VAL G 9 2.62 5.35 -6.18
C VAL G 9 3.25 5.94 -7.44
N LEU G 10 3.79 5.08 -8.28
CA LEU G 10 4.43 5.46 -9.53
C LEU G 10 3.57 5.12 -10.74
N SER G 11 3.78 5.87 -11.82
CA SER G 11 3.02 5.68 -13.05
C SER G 11 3.91 5.19 -14.19
N GLY G 12 5.23 5.25 -14.02
CA GLY G 12 6.17 4.75 -15.01
C GLY G 12 6.18 5.48 -16.33
N LEU G 13 5.41 6.55 -16.45
CA LEU G 13 5.31 7.31 -17.69
C LEU G 13 6.61 8.06 -17.98
N ILE H 1 13.72 16.90 -11.66
CA ILE H 1 13.56 15.76 -12.57
C ILE H 1 12.71 16.12 -13.79
N VAL H 2 13.28 16.02 -14.98
CA VAL H 2 12.55 16.28 -16.21
C VAL H 2 11.74 15.05 -16.59
N ASN H 3 10.44 15.26 -16.87
CA ASN H 3 9.50 14.22 -17.30
CA ASN H 3 9.50 14.22 -17.29
C ASN H 3 9.22 13.20 -16.19
N GLY H 4 9.43 13.58 -14.94
CA GLY H 4 9.01 12.78 -13.80
C GLY H 4 7.56 13.10 -13.49
N GLU H 5 7.18 12.90 -12.23
CA GLU H 5 5.81 13.18 -11.81
C GLU H 5 5.79 13.46 -10.32
N GLU H 6 4.70 14.06 -9.85
CA GLU H 6 4.59 14.33 -8.42
C GLU H 6 4.48 13.03 -7.64
N ALA H 7 5.20 12.96 -6.52
CA ALA H 7 5.14 11.83 -5.62
C ALA H 7 3.94 11.96 -4.69
N VAL H 8 3.49 10.83 -4.15
CA VAL H 8 2.50 10.92 -3.07
C VAL H 8 3.15 11.62 -1.87
N PRO H 9 2.49 12.60 -1.25
CA PRO H 9 3.12 13.31 -0.12
C PRO H 9 3.49 12.35 1.00
N GLY H 10 4.77 12.40 1.39
CA GLY H 10 5.28 11.55 2.45
C GLY H 10 5.80 10.19 2.01
N SER H 11 5.68 9.86 0.71
CA SER H 11 5.98 8.50 0.26
C SER H 11 7.47 8.26 0.00
N TRP H 12 8.29 9.30 0.09
CA TRP H 12 9.75 9.18 0.09
C TRP H 12 10.29 9.82 1.37
N PRO H 13 10.07 9.15 2.51
CA PRO H 13 10.26 9.82 3.80
C PRO H 13 11.71 10.09 4.18
N TRP H 14 12.67 9.49 3.48
CA TRP H 14 14.08 9.77 3.70
C TRP H 14 14.54 10.98 2.89
N GLN H 15 13.75 11.44 1.94
CA GLN H 15 14.16 12.57 1.11
C GLN H 15 14.16 13.84 1.96
N VAL H 16 15.30 14.54 1.99
CA VAL H 16 15.37 15.80 2.70
C VAL H 16 15.76 16.87 1.69
N SER H 17 15.47 18.12 2.07
CA SER H 17 15.88 19.29 1.33
C SER H 17 16.96 20.00 2.15
N LEU H 18 18.08 20.33 1.52
CA LEU H 18 19.15 21.07 2.16
C LEU H 18 18.97 22.55 1.82
N GLN H 19 18.80 23.38 2.84
CA GLN H 19 18.56 24.82 2.67
C GLN H 19 19.74 25.59 3.24
N ASP H 20 20.10 26.69 2.57
CA ASP H 20 21.17 27.53 3.10
C ASP H 20 20.60 28.47 4.17
N LYS H 21 21.42 29.40 4.66
CA LYS H 21 20.99 30.34 5.70
C LYS H 21 19.79 31.18 5.30
N THR H 22 19.54 31.37 4.00
CA THR H 22 18.40 32.17 3.55
C THR H 22 17.11 31.36 3.43
N GLY H 23 17.17 30.03 3.56
CA GLY H 23 16.05 29.16 3.29
C GLY H 23 15.99 28.61 1.88
N PHE H 24 17.00 28.88 1.06
CA PHE H 24 17.03 28.47 -0.35
C PHE H 24 17.39 26.99 -0.45
N HIS H 25 16.49 26.18 -1.01
CA HIS H 25 16.83 24.79 -1.34
C HIS H 25 18.00 24.76 -2.33
N PHE H 26 19.08 24.06 -1.98
CA PHE H 26 20.19 23.96 -2.93
C PHE H 26 20.61 22.54 -3.26
N CYS H 27 20.16 21.54 -2.51
CA CYS H 27 20.49 20.15 -2.80
C CYS H 27 19.48 19.26 -2.09
N GLY H 28 19.39 18.03 -2.56
CA GLY H 28 18.70 16.99 -1.81
C GLY H 28 19.66 16.20 -0.94
N GLY H 29 19.09 15.24 -0.22
CA GLY H 29 19.86 14.32 0.62
C GLY H 29 18.91 13.23 1.07
N SER H 30 19.48 12.23 1.77
CA SER H 30 18.73 11.06 2.22
C SER H 30 19.05 10.76 3.68
N LEU H 31 18.02 10.68 4.51
CA LEU H 31 18.21 10.18 5.87
C LEU H 31 18.59 8.70 5.85
N ILE H 32 19.65 8.34 6.59
CA ILE H 32 20.02 6.94 6.76
C ILE H 32 19.77 6.43 8.17
N ASN H 33 19.55 7.31 9.13
CA ASN H 33 19.01 7.02 10.46
C ASN H 33 18.57 8.35 11.06
N GLU H 34 18.23 8.36 12.35
CA GLU H 34 17.70 9.58 12.95
C GLU H 34 18.74 10.68 13.11
N ASN H 35 20.03 10.36 12.95
CA ASN H 35 21.08 11.32 13.24
C ASN H 35 21.95 11.65 12.03
N TRP H 36 21.71 11.05 10.87
CA TRP H 36 22.63 11.18 9.76
C TRP H 36 21.90 11.31 8.43
N VAL H 37 22.39 12.23 7.60
CA VAL H 37 21.94 12.42 6.22
C VAL H 37 23.13 12.18 5.30
N VAL H 38 22.90 11.50 4.18
CA VAL H 38 23.92 11.33 3.16
C VAL H 38 23.55 12.19 1.96
N THR H 39 24.54 12.87 1.39
CA THR H 39 24.31 13.76 0.26
C THR H 39 25.56 13.77 -0.61
N ALA H 40 25.59 14.66 -1.60
CA ALA H 40 26.72 14.76 -2.52
C ALA H 40 27.76 15.72 -1.97
N ALA H 41 29.03 15.39 -2.19
CA ALA H 41 30.10 16.28 -1.75
C ALA H 41 30.08 17.61 -2.49
N HIS H 42 29.74 17.58 -3.79
CA HIS H 42 29.76 18.81 -4.57
C HIS H 42 28.70 19.80 -4.12
N CYS H 43 27.77 19.39 -3.25
CA CYS H 43 26.80 20.33 -2.71
C CYS H 43 27.44 21.34 -1.76
N GLY H 44 28.64 21.09 -1.26
CA GLY H 44 29.36 22.06 -0.43
C GLY H 44 28.66 22.40 0.87
N VAL H 45 28.02 21.42 1.51
CA VAL H 45 27.25 21.67 2.72
C VAL H 45 28.18 22.13 3.83
N THR H 46 27.72 23.08 4.65
CA THR H 46 28.41 23.51 5.86
C THR H 46 27.44 23.45 7.03
N THR H 47 27.96 23.71 8.23
CA THR H 47 27.12 23.69 9.43
C THR H 47 26.21 24.92 9.54
N SER H 48 26.26 25.88 8.62
CA SER H 48 25.21 26.89 8.57
C SER H 48 24.04 26.49 7.67
N ASP H 49 24.15 25.37 6.96
CA ASP H 49 23.00 24.87 6.21
C ASP H 49 22.11 24.05 7.13
N VAL H 50 20.86 23.85 6.69
CA VAL H 50 19.83 23.20 7.48
C VAL H 50 19.28 22.00 6.71
N VAL H 51 19.02 20.90 7.43
CA VAL H 51 18.34 19.74 6.86
C VAL H 51 16.84 19.91 7.09
N VAL H 52 16.06 19.94 6.01
CA VAL H 52 14.61 20.02 6.12
C VAL H 52 14.04 18.64 5.81
N ALA H 53 13.41 18.04 6.81
CA ALA H 53 12.80 16.72 6.67
C ALA H 53 11.28 16.81 6.74
N GLY H 54 10.61 15.86 6.10
CA GLY H 54 9.16 15.81 6.12
C GLY H 54 8.47 16.75 5.18
N GLU H 55 9.21 17.41 4.29
CA GLU H 55 8.63 18.38 3.37
C GLU H 55 8.31 17.69 2.05
N PHE H 56 7.10 17.89 1.57
CA PHE H 56 6.69 17.34 0.28
CA PHE H 56 6.79 17.37 0.25
C PHE H 56 6.10 18.40 -0.62
N ASP H 57 5.37 19.34 -0.04
CA ASP H 57 4.62 20.33 -0.78
C ASP H 57 5.14 21.69 -0.33
N GLN H 58 6.04 22.27 -1.13
CA GLN H 58 6.49 23.63 -0.83
C GLN H 58 5.38 24.66 -1.01
N GLY H 59 4.24 24.27 -1.58
CA GLY H 59 3.03 25.08 -1.63
C GLY H 59 2.07 24.87 -0.47
N SER H 60 2.49 24.18 0.59
CA SER H 60 1.65 23.89 1.74
C SER H 60 2.23 24.52 2.99
N SER H 61 1.34 24.96 3.87
CA SER H 61 1.70 25.51 5.17
CA SER H 61 1.70 25.51 5.17
C SER H 61 1.37 24.57 6.32
N SER H 62 0.87 23.37 6.03
CA SER H 62 0.34 22.47 7.04
C SER H 62 1.17 21.21 7.22
N GLU H 63 2.32 21.13 6.58
CA GLU H 63 3.13 19.92 6.70
C GLU H 63 3.86 19.92 8.03
N LYS H 64 4.13 18.72 8.54
CA LYS H 64 4.89 18.55 9.77
C LYS H 64 6.37 18.54 9.41
N ILE H 65 6.92 19.75 9.29
CA ILE H 65 8.29 19.97 8.84
C ILE H 65 9.22 19.94 10.03
N GLN H 66 10.40 19.34 9.85
CA GLN H 66 11.47 19.40 10.84
C GLN H 66 12.67 20.07 10.21
N LYS H 67 13.05 21.23 10.76
CA LYS H 67 14.22 21.97 10.32
C LYS H 67 15.36 21.63 11.27
N LEU H 68 16.32 20.85 10.79
CA LEU H 68 17.31 20.21 11.65
C LEU H 68 18.68 20.82 11.42
N LYS H 69 19.30 21.29 12.51
CA LYS H 69 20.64 21.85 12.42
C LYS H 69 21.68 20.75 12.21
N ILE H 70 22.79 21.13 11.59
CA ILE H 70 23.87 20.22 11.26
C ILE H 70 25.01 20.43 12.25
N ALA H 71 25.40 19.38 12.95
CA ALA H 71 26.47 19.54 13.93
C ALA H 71 27.85 19.50 13.26
N LYS H 72 28.04 18.63 12.28
CA LYS H 72 29.36 18.44 11.68
C LYS H 72 29.20 17.85 10.29
N VAL H 73 30.08 18.27 9.37
CA VAL H 73 30.06 17.83 7.99
C VAL H 73 31.24 16.90 7.76
N PHE H 74 31.00 15.76 7.14
CA PHE H 74 32.02 14.74 6.88
C PHE H 74 32.16 14.54 5.36
N LYS H 75 33.03 15.31 4.73
CA LYS H 75 33.29 15.13 3.31
C LYS H 75 34.23 13.95 3.09
N ASN H 76 33.90 13.10 2.11
CA ASN H 76 34.77 11.99 1.78
C ASN H 76 36.13 12.52 1.32
N SER H 77 37.19 12.11 2.01
CA SER H 77 38.53 12.64 1.72
C SER H 77 38.95 12.38 0.28
N LYS H 78 38.38 11.36 -0.36
CA LYS H 78 38.74 11.01 -1.72
C LYS H 78 37.96 11.80 -2.77
N TYR H 79 37.08 12.71 -2.36
CA TYR H 79 36.33 13.50 -3.33
C TYR H 79 37.28 14.31 -4.20
N ASN H 80 37.04 14.26 -5.52
CA ASN H 80 37.86 14.93 -6.53
C ASN H 80 37.05 16.06 -7.14
N SER H 81 37.48 17.31 -6.89
CA SER H 81 36.73 18.49 -7.31
C SER H 81 36.67 18.67 -8.82
N LEU H 82 37.53 18.01 -9.58
CA LEU H 82 37.53 18.14 -11.04
C LEU H 82 36.75 17.05 -11.73
N THR H 83 37.02 15.79 -11.37
CA THR H 83 36.30 14.66 -11.95
C THR H 83 34.99 14.38 -11.26
N ILE H 84 34.75 14.95 -10.08
CA ILE H 84 33.54 14.75 -9.28
C ILE H 84 33.45 13.29 -8.84
N ASN H 85 34.58 12.59 -8.79
CA ASN H 85 34.56 11.21 -8.32
C ASN H 85 34.53 11.17 -6.80
N ASN H 86 33.92 10.09 -6.27
CA ASN H 86 33.73 9.87 -4.84
C ASN H 86 32.90 11.00 -4.24
N ASP H 87 31.74 11.25 -4.86
CA ASP H 87 30.95 12.45 -4.59
C ASP H 87 29.94 12.18 -3.49
N ILE H 88 30.45 12.10 -2.26
CA ILE H 88 29.60 11.77 -1.12
C ILE H 88 30.06 12.53 0.11
N THR H 89 29.08 13.02 0.87
CA THR H 89 29.28 13.73 2.12
C THR H 89 28.23 13.28 3.13
N LEU H 90 28.63 13.13 4.37
CA LEU H 90 27.73 12.76 5.46
C LEU H 90 27.50 13.97 6.36
N LEU H 91 26.26 14.13 6.80
CA LEU H 91 25.89 15.21 7.71
C LEU H 91 25.43 14.61 9.03
N LYS H 92 26.08 15.01 10.12
CA LYS H 92 25.67 14.63 11.47
C LYS H 92 24.77 15.72 12.05
N LEU H 93 23.54 15.36 12.42
CA LEU H 93 22.59 16.32 12.95
C LEU H 93 22.90 16.60 14.41
N SER H 94 22.79 17.87 14.81
CA SER H 94 22.96 18.20 16.22
C SER H 94 21.83 17.62 17.05
N THR H 95 20.60 17.65 16.53
CA THR H 95 19.46 17.02 17.17
C THR H 95 18.88 15.97 16.24
N ALA H 96 18.59 14.79 16.77
CA ALA H 96 18.07 13.70 15.97
C ALA H 96 16.74 14.06 15.33
N ALA H 97 16.54 13.62 14.10
CA ALA H 97 15.22 13.69 13.51
C ALA H 97 14.25 12.82 14.32
N SER H 98 12.98 13.23 14.33
CA SER H 98 11.93 12.46 14.97
C SER H 98 11.22 11.66 13.88
N PHE H 99 11.45 10.36 13.84
CA PHE H 99 10.84 9.58 12.77
C PHE H 99 9.32 9.54 12.94
N SER H 100 8.62 9.42 11.83
CA SER H 100 7.17 9.53 11.76
C SER H 100 6.72 8.83 10.49
N GLN H 101 5.41 8.86 10.22
CA GLN H 101 4.97 8.25 8.97
C GLN H 101 5.52 8.97 7.74
N THR H 102 5.98 10.22 7.88
CA THR H 102 6.53 10.95 6.75
C THR H 102 8.04 11.15 6.82
N VAL H 103 8.70 10.65 7.87
CA VAL H 103 10.14 10.85 8.04
C VAL H 103 10.74 9.54 8.53
N SER H 104 11.60 8.91 7.72
CA SER H 104 12.25 7.66 8.11
C SER H 104 13.44 7.44 7.18
N ALA H 105 14.15 6.31 7.35
CA ALA H 105 15.45 6.12 6.73
C ALA H 105 15.41 5.20 5.50
N VAL H 106 16.30 5.49 4.54
CA VAL H 106 16.53 4.55 3.42
C VAL H 106 17.53 3.47 3.86
N CYS H 107 17.48 2.32 3.19
CA CYS H 107 18.48 1.28 3.47
C CYS H 107 19.78 1.58 2.73
N LEU H 108 20.89 1.16 3.33
CA LEU H 108 22.19 1.18 2.69
C LEU H 108 22.56 -0.20 2.17
N PRO H 109 23.24 -0.28 1.02
CA PRO H 109 23.61 -1.58 0.48
C PRO H 109 24.86 -2.11 1.17
N SER H 110 25.16 -3.37 0.87
CA SER H 110 26.49 -3.91 1.13
C SER H 110 27.39 -3.59 -0.05
N ALA H 111 28.68 -3.44 0.22
CA ALA H 111 29.62 -3.08 -0.85
C ALA H 111 29.61 -4.13 -1.96
N SER H 112 29.25 -5.38 -1.65
CA SER H 112 29.25 -6.47 -2.61
C SER H 112 27.93 -6.63 -3.36
N ASP H 113 26.91 -5.83 -3.05
CA ASP H 113 25.63 -5.97 -3.72
C ASP H 113 25.80 -5.72 -5.21
N ASP H 114 25.09 -6.51 -6.03
CA ASP H 114 25.12 -6.35 -7.48
C ASP H 114 23.76 -5.84 -7.95
N PHE H 115 23.70 -4.56 -8.30
CA PHE H 115 22.52 -3.96 -8.91
C PHE H 115 22.80 -3.90 -10.41
N ALA H 116 22.27 -4.87 -11.15
CA ALA H 116 22.67 -5.08 -12.53
C ALA H 116 22.11 -4.01 -13.47
N ALA H 117 22.79 -3.83 -14.59
CA ALA H 117 22.31 -2.92 -15.63
C ALA H 117 20.93 -3.37 -16.10
N GLY H 118 20.05 -2.40 -16.35
CA GLY H 118 18.68 -2.69 -16.71
C GLY H 118 17.72 -2.76 -15.55
N THR H 119 18.23 -2.89 -14.33
CA THR H 119 17.37 -2.81 -13.14
C THR H 119 16.60 -1.50 -13.16
N THR H 120 15.30 -1.57 -12.92
CA THR H 120 14.48 -0.36 -12.84
C THR H 120 14.56 0.19 -11.43
N CYS H 121 15.02 1.43 -11.30
CA CYS H 121 15.14 2.10 -10.02
C CYS H 121 14.34 3.40 -10.07
N VAL H 122 14.45 4.20 -9.01
CA VAL H 122 13.69 5.44 -8.87
C VAL H 122 14.62 6.51 -8.32
N THR H 123 14.52 7.72 -8.87
CA THR H 123 15.16 8.88 -8.28
C THR H 123 14.08 9.91 -7.96
N THR H 124 14.32 10.72 -6.92
CA THR H 124 13.34 11.70 -6.44
C THR H 124 14.07 13.02 -6.19
N GLY H 125 13.32 14.12 -6.23
CA GLY H 125 13.94 15.40 -5.93
C GLY H 125 13.07 16.59 -6.30
N TRP H 126 13.60 17.76 -5.94
CA TRP H 126 12.94 19.04 -6.22
CA TRP H 126 13.00 19.08 -6.17
C TRP H 126 13.60 19.80 -7.37
N GLY H 127 14.41 19.12 -8.18
CA GLY H 127 15.06 19.80 -9.29
C GLY H 127 14.07 20.21 -10.38
N LEU H 128 14.60 20.93 -11.37
CA LEU H 128 13.75 21.43 -12.45
C LEU H 128 13.05 20.29 -13.16
N THR H 129 11.80 20.53 -13.56
CA THR H 129 11.04 19.56 -14.35
C THR H 129 11.21 19.78 -15.84
N ARG H 130 11.92 20.83 -16.22
CA ARG H 130 12.19 21.15 -17.60
C ARG H 130 13.44 22.03 -17.55
N TYR H 131 14.37 21.78 -18.47
CA TYR H 131 15.62 22.54 -18.40
C TYR H 131 15.32 24.02 -18.42
N ALA I 1 8.06 29.42 -13.83
CA ALA I 1 9.26 28.70 -13.48
C ALA I 1 9.10 27.22 -13.78
N ASN I 2 10.21 26.49 -13.84
CA ASN I 2 10.19 25.03 -13.92
C ASN I 2 10.55 24.37 -12.60
N THR I 3 10.40 25.10 -11.50
CA THR I 3 10.65 24.54 -10.19
C THR I 3 9.37 23.91 -9.68
N PRO I 4 9.38 22.63 -9.31
CA PRO I 4 8.14 22.00 -8.84
C PRO I 4 7.85 22.40 -7.40
N ASP I 5 6.58 22.65 -7.12
CA ASP I 5 6.22 22.87 -5.73
C ASP I 5 6.02 21.58 -4.96
N ARG I 6 5.90 20.45 -5.64
CA ARG I 6 5.73 19.16 -4.98
C ARG I 6 6.86 18.22 -5.38
N LEU I 7 7.33 17.43 -4.41
CA LEU I 7 8.41 16.50 -4.66
C LEU I 7 8.10 15.63 -5.88
N GLN I 8 9.10 15.44 -6.73
CA GLN I 8 8.95 14.67 -7.96
C GLN I 8 9.63 13.32 -7.83
N GLN I 9 9.23 12.40 -8.70
CA GLN I 9 9.80 11.07 -8.77
C GLN I 9 9.87 10.66 -10.23
N ALA I 10 10.77 9.73 -10.54
CA ALA I 10 10.79 9.10 -11.86
C ALA I 10 11.45 7.73 -11.74
N SER I 11 10.95 6.76 -12.50
CA SER I 11 11.62 5.47 -12.62
C SER I 11 12.54 5.50 -13.83
N LEU I 12 13.67 4.78 -13.73
CA LEU I 12 14.69 4.84 -14.77
C LEU I 12 15.63 3.65 -14.62
N PRO I 13 16.18 3.13 -15.71
CA PRO I 13 17.04 1.95 -15.62
C PRO I 13 18.51 2.30 -15.36
N LEU I 14 19.17 1.41 -14.61
CA LEU I 14 20.61 1.45 -14.48
C LEU I 14 21.29 1.11 -15.81
N LEU I 15 22.45 1.72 -16.05
CA LEU I 15 23.29 1.41 -17.19
C LEU I 15 24.56 0.71 -16.75
N SER I 16 25.11 -0.11 -17.64
CA SER I 16 26.46 -0.61 -17.43
C SER I 16 27.46 0.52 -17.64
N ASN I 17 28.58 0.47 -16.90
CA ASN I 17 29.56 1.54 -17.06
C ASN I 17 30.18 1.55 -18.45
N THR I 18 30.17 0.42 -19.15
CA THR I 18 30.61 0.41 -20.53
C THR I 18 29.62 1.15 -21.44
N ASN I 19 28.32 0.89 -21.25
CA ASN I 19 27.30 1.59 -22.02
C ASN I 19 27.27 3.08 -21.68
N CYS I 20 27.53 3.42 -20.42
CA CYS I 20 27.55 4.83 -20.04
C CYS I 20 28.74 5.55 -20.66
N LYS I 21 29.89 4.88 -20.75
CA LYS I 21 31.07 5.50 -21.34
C LYS I 21 30.90 5.79 -22.82
N LYS I 22 29.96 5.12 -23.51
CA LYS I 22 29.68 5.51 -24.88
C LYS I 22 29.11 6.92 -24.97
N TYR I 23 28.51 7.42 -23.90
CA TYR I 23 28.10 8.81 -23.84
C TYR I 23 29.18 9.70 -23.24
N TRP I 24 29.66 9.34 -22.04
CA TRP I 24 30.49 10.24 -21.24
C TRP I 24 31.99 9.92 -21.31
N GLY I 25 32.39 8.82 -21.95
CA GLY I 25 33.81 8.57 -22.14
C GLY I 25 34.54 8.34 -20.83
N THR I 26 35.77 8.84 -20.77
CA THR I 26 36.67 8.62 -19.63
C THR I 26 36.23 9.36 -18.38
N LYS I 27 35.17 10.18 -18.45
CA LYS I 27 34.67 10.86 -17.26
C LYS I 27 34.05 9.89 -16.26
N ILE I 28 33.71 8.67 -16.67
CA ILE I 28 33.01 7.72 -15.81
C ILE I 28 34.05 6.91 -15.02
N LYS I 29 34.01 7.03 -13.70
CA LYS I 29 34.94 6.35 -12.81
C LYS I 29 34.24 5.19 -12.09
N ASP I 30 35.06 4.35 -11.45
CA ASP I 30 34.51 3.17 -10.80
C ASP I 30 33.53 3.54 -9.69
N ALA I 31 33.74 4.66 -9.02
CA ALA I 31 32.82 5.10 -7.98
C ALA I 31 31.61 5.86 -8.53
N MET I 32 31.31 5.71 -9.81
CA MET I 32 30.11 6.27 -10.40
C MET I 32 29.24 5.15 -10.97
N ILE I 33 27.94 5.40 -11.01
CA ILE I 33 26.98 4.53 -11.68
C ILE I 33 26.05 5.42 -12.48
N CYS I 34 25.67 4.96 -13.66
CA CYS I 34 24.81 5.75 -14.54
C CYS I 34 23.41 5.16 -14.60
N ALA I 35 22.44 6.03 -14.88
CA ALA I 35 21.06 5.62 -14.96
C ALA I 35 20.32 6.62 -15.83
N GLY I 36 19.29 6.15 -16.49
CA GLY I 36 18.42 7.02 -17.28
C GLY I 36 18.69 6.88 -18.77
N ALA I 37 18.84 8.02 -19.46
CA ALA I 37 18.88 8.08 -20.92
C ALA I 37 17.62 7.43 -21.52
N SER I 38 16.53 7.47 -20.76
CA SER I 38 15.34 6.67 -21.02
C SER I 38 14.07 7.50 -21.10
N GLY I 39 14.17 8.81 -21.23
CA GLY I 39 13.02 9.68 -21.27
C GLY I 39 12.86 10.56 -20.04
N VAL I 40 13.70 10.38 -19.02
CA VAL I 40 13.71 11.22 -17.84
C VAL I 40 15.15 11.62 -17.57
N SER I 41 15.31 12.65 -16.74
CA SER I 41 16.64 13.13 -16.39
C SER I 41 16.57 13.86 -15.06
N SER I 42 17.51 13.55 -14.16
CA SER I 42 17.74 14.44 -13.03
C SER I 42 18.19 15.80 -13.56
N CYS I 43 17.89 16.86 -12.80
CA CYS I 43 18.18 18.21 -13.28
C CYS I 43 18.47 19.13 -12.10
N MET I 44 18.88 20.37 -12.43
CA MET I 44 19.33 21.36 -11.45
CA MET I 44 19.32 21.36 -11.46
C MET I 44 18.44 21.40 -10.22
N GLY I 45 19.01 21.08 -9.08
CA GLY I 45 18.30 21.01 -7.81
C GLY I 45 18.10 19.61 -7.31
N ASP I 46 18.30 18.60 -8.16
CA ASP I 46 18.22 17.20 -7.73
C ASP I 46 19.53 16.72 -7.11
N SER I 47 20.63 17.47 -7.27
CA SER I 47 21.94 17.09 -6.73
C SER I 47 21.85 16.65 -5.27
N GLY I 48 22.56 15.56 -4.96
CA GLY I 48 22.63 15.04 -3.61
C GLY I 48 21.50 14.11 -3.21
N GLY I 49 20.41 14.07 -3.97
CA GLY I 49 19.28 13.24 -3.63
C GLY I 49 19.48 11.79 -4.02
N PRO I 50 18.48 10.96 -3.70
CA PRO I 50 18.63 9.51 -3.85
C PRO I 50 18.30 8.96 -5.22
N LEU I 51 19.04 7.91 -5.57
CA LEU I 51 18.66 6.91 -6.57
C LEU I 51 18.54 5.59 -5.82
N VAL I 52 17.32 5.06 -5.70
CA VAL I 52 17.06 3.87 -4.88
C VAL I 52 16.57 2.74 -5.77
N CYS I 53 16.94 1.51 -5.39
CA CYS I 53 16.47 0.29 -6.03
C CYS I 53 16.03 -0.69 -4.96
N LYS I 54 15.14 -1.60 -5.33
CA LYS I 54 14.63 -2.58 -4.37
C LYS I 54 15.67 -3.64 -4.06
N LYS I 55 15.76 -4.00 -2.79
CA LYS I 55 16.56 -5.14 -2.36
C LYS I 55 15.85 -5.73 -1.16
N ASN I 56 15.43 -7.00 -1.26
CA ASN I 56 14.63 -7.64 -0.23
C ASN I 56 13.32 -6.87 0.03
N GLY I 57 12.74 -6.33 -1.04
CA GLY I 57 11.50 -5.60 -0.94
C GLY I 57 11.59 -4.19 -0.39
N ALA I 58 12.79 -3.74 -0.03
CA ALA I 58 12.99 -2.43 0.57
C ALA I 58 13.83 -1.55 -0.34
N TRP I 59 13.53 -0.26 -0.33
CA TRP I 59 14.29 0.69 -1.14
C TRP I 59 15.68 0.89 -0.55
N THR I 60 16.70 0.73 -1.39
CA THR I 60 18.08 0.77 -0.95
C THR I 60 18.81 1.81 -1.77
N LEU I 61 19.65 2.60 -1.11
CA LEU I 61 20.32 3.73 -1.77
C LEU I 61 21.46 3.19 -2.64
N VAL I 62 21.29 3.31 -3.97
CA VAL I 62 22.24 2.78 -4.94
C VAL I 62 23.07 3.90 -5.53
N GLY I 63 22.48 5.10 -5.63
CA GLY I 63 23.19 6.24 -6.18
C GLY I 63 22.81 7.52 -5.46
N ILE I 64 23.70 8.50 -5.58
CA ILE I 64 23.47 9.87 -5.14
C ILE I 64 23.63 10.77 -6.36
N VAL I 65 22.63 11.59 -6.64
CA VAL I 65 22.64 12.44 -7.83
C VAL I 65 23.91 13.27 -7.86
N SER I 66 24.72 13.07 -8.90
CA SER I 66 26.04 13.66 -8.99
C SER I 66 26.15 14.68 -10.11
N TRP I 67 25.96 14.29 -11.36
CA TRP I 67 25.95 15.23 -12.48
C TRP I 67 25.28 14.56 -13.68
N GLY I 68 24.99 15.36 -14.69
CA GLY I 68 24.30 14.86 -15.84
C GLY I 68 24.38 15.79 -17.00
N SER I 69 23.40 15.70 -17.90
CA SER I 69 23.42 16.49 -19.12
C SER I 69 23.44 17.98 -18.81
N SER I 70 24.26 18.72 -19.58
CA SER I 70 24.30 20.17 -19.47
C SER I 70 22.93 20.81 -19.65
N THR I 71 22.06 20.18 -20.45
CA THR I 71 20.71 20.68 -20.68
C THR I 71 19.66 19.73 -20.15
N CYS I 72 20.05 18.81 -19.25
CA CYS I 72 19.12 17.83 -18.68
C CYS I 72 18.40 17.04 -19.78
N SER I 73 19.14 16.67 -20.82
CA SER I 73 18.61 15.88 -21.90
C SER I 73 18.14 14.51 -21.40
N THR I 74 16.94 14.11 -21.82
CA THR I 74 16.40 12.83 -21.38
C THR I 74 16.89 11.66 -22.24
N SER I 75 17.71 11.92 -23.25
CA SER I 75 18.37 10.87 -24.01
C SER I 75 19.83 10.69 -23.59
N THR I 76 20.26 11.36 -22.52
CA THR I 76 21.60 11.28 -21.98
C THR I 76 21.56 10.70 -20.58
N PRO I 77 22.43 9.74 -20.24
CA PRO I 77 22.39 9.14 -18.91
C PRO I 77 22.89 10.11 -17.84
N GLY I 78 22.21 10.07 -16.70
CA GLY I 78 22.72 10.76 -15.54
C GLY I 78 23.80 9.96 -14.82
N VAL I 79 24.67 10.67 -14.12
CA VAL I 79 25.79 10.07 -13.39
C VAL I 79 25.53 10.24 -11.90
N TYR I 80 25.72 9.15 -11.16
CA TYR I 80 25.40 9.09 -9.74
C TYR I 80 26.62 8.55 -9.00
N ALA I 81 26.82 9.04 -7.78
CA ALA I 81 27.83 8.44 -6.92
C ALA I 81 27.40 7.01 -6.60
N ARG I 82 28.29 6.05 -6.84
CA ARG I 82 27.96 4.64 -6.67
C ARG I 82 28.07 4.26 -5.20
N VAL I 83 26.93 4.07 -4.54
CA VAL I 83 26.94 3.89 -3.10
C VAL I 83 27.61 2.59 -2.70
N THR I 84 27.50 1.52 -3.51
CA THR I 84 28.19 0.28 -3.14
C THR I 84 29.70 0.50 -3.03
N ALA I 85 30.25 1.42 -3.82
CA ALA I 85 31.67 1.73 -3.75
C ALA I 85 32.01 2.68 -2.61
N LEU I 86 31.02 3.28 -1.97
CA LEU I 86 31.24 4.29 -0.94
C LEU I 86 30.66 3.93 0.41
N VAL I 87 29.91 2.82 0.50
CA VAL I 87 29.19 2.49 1.73
C VAL I 87 30.16 2.02 2.82
N ASN I 88 31.31 1.46 2.44
CA ASN I 88 32.29 1.09 3.47
C ASN I 88 32.77 2.33 4.22
N TRP I 89 33.00 3.43 3.49
CA TRP I 89 33.38 4.68 4.13
C TRP I 89 32.24 5.25 4.97
N VAL I 90 31.01 5.17 4.45
CA VAL I 90 29.85 5.64 5.22
C VAL I 90 29.77 4.92 6.56
N GLN I 91 29.77 3.59 6.52
CA GLN I 91 29.62 2.83 7.77
C GLN I 91 30.77 3.09 8.72
N GLN I 92 31.99 3.22 8.20
CA GLN I 92 33.11 3.53 9.08
C GLN I 92 32.95 4.92 9.71
N THR I 93 32.49 5.90 8.93
CA THR I 93 32.29 7.25 9.48
C THR I 93 31.25 7.24 10.59
N LEU I 94 30.14 6.52 10.39
CA LEU I 94 29.15 6.40 11.44
C LEU I 94 29.73 5.74 12.69
N ALA I 95 30.50 4.65 12.51
CA ALA I 95 31.04 3.95 13.67
C ALA I 95 32.03 4.80 14.45
N ALA I 96 32.79 5.65 13.78
CA ALA I 96 33.82 6.45 14.43
C ALA I 96 33.29 7.76 14.98
N ASN I 97 32.00 8.04 14.79
CA ASN I 97 31.43 9.31 15.22
C ASN I 97 30.07 9.08 15.87
N CYS J 1 11.89 -0.84 10.94
CA CYS J 1 11.05 -1.84 11.59
C CYS J 1 9.58 -1.48 11.46
N GLY J 2 8.70 -2.47 11.62
CA GLY J 2 7.29 -2.21 11.79
C GLY J 2 6.51 -1.76 10.56
N VAL J 3 7.12 -1.76 9.38
CA VAL J 3 6.42 -1.43 8.15
C VAL J 3 6.60 -2.58 7.17
N PRO J 4 5.64 -3.50 7.09
CA PRO J 4 5.78 -4.63 6.17
C PRO J 4 5.89 -4.15 4.72
N ALA J 5 6.82 -4.77 3.97
CA ALA J 5 6.88 -4.51 2.54
C ALA J 5 5.57 -4.86 1.86
N ILE J 6 4.91 -5.91 2.33
CA ILE J 6 3.59 -6.33 1.87
C ILE J 6 2.59 -5.79 2.88
N GLN J 7 1.88 -4.73 2.50
CA GLN J 7 1.00 -4.04 3.44
C GLN J 7 -0.16 -4.94 3.85
N PRO J 8 -0.47 -5.03 5.15
CA PRO J 8 -1.64 -5.80 5.56
C PRO J 8 -2.93 -5.16 5.05
N VAL J 9 -3.90 -6.02 4.75
CA VAL J 9 -5.18 -5.62 4.17
C VAL J 9 -6.32 -6.13 5.04
N LEU J 10 -7.21 -5.24 5.46
CA LEU J 10 -8.39 -5.70 6.17
C LEU J 10 -9.42 -6.11 5.11
N SER J 11 -10.01 -7.29 5.30
CA SER J 11 -10.83 -7.89 4.25
C SER J 11 -12.30 -7.46 4.36
N GLY J 12 -12.95 -7.84 5.45
CA GLY J 12 -14.30 -7.35 5.66
C GLY J 12 -15.31 -8.43 5.34
N LEU J 13 -16.48 -8.02 4.86
CA LEU J 13 -17.52 -8.97 4.48
C LEU J 13 -17.08 -9.71 3.24
N ILE K 1 -7.28 -17.03 16.75
CA ILE K 1 -8.12 -15.83 16.80
C ILE K 1 -9.54 -16.15 16.37
N VAL K 2 -10.49 -15.94 17.29
CA VAL K 2 -11.91 -16.14 16.99
C VAL K 2 -12.47 -14.89 16.33
N ASN K 3 -13.19 -15.09 15.21
CA ASN K 3 -13.82 -14.02 14.44
CA ASN K 3 -13.82 -14.02 14.45
C ASN K 3 -12.81 -13.05 13.84
N GLY K 4 -11.60 -13.53 13.59
CA GLY K 4 -10.61 -12.77 12.84
C GLY K 4 -10.78 -13.08 11.38
N GLU K 5 -9.69 -12.91 10.62
CA GLU K 5 -9.76 -13.19 9.21
C GLU K 5 -8.38 -13.55 8.67
N GLU K 6 -8.39 -14.08 7.46
CA GLU K 6 -7.17 -14.43 6.76
C GLU K 6 -6.31 -13.18 6.51
N ALA K 7 -5.02 -13.28 6.82
CA ALA K 7 -4.09 -12.21 6.52
C ALA K 7 -3.58 -12.35 5.09
N VAL K 8 -3.14 -11.23 4.50
CA VAL K 8 -2.43 -11.33 3.22
C VAL K 8 -1.11 -12.06 3.44
N PRO K 9 -0.74 -13.02 2.60
CA PRO K 9 0.50 -13.79 2.83
C PRO K 9 1.71 -12.87 2.90
N GLY K 10 2.44 -12.96 4.00
CA GLY K 10 3.65 -12.17 4.16
C GLY K 10 3.46 -10.80 4.78
N SER K 11 2.22 -10.41 5.09
CA SER K 11 1.97 -9.03 5.49
C SER K 11 2.23 -8.78 6.97
N TRP K 12 2.51 -9.83 7.76
CA TRP K 12 2.96 -9.69 9.14
C TRP K 12 4.32 -10.38 9.24
N PRO K 13 5.36 -9.77 8.69
CA PRO K 13 6.62 -10.49 8.45
C PRO K 13 7.40 -10.81 9.71
N TRP K 14 7.05 -10.23 10.86
CA TRP K 14 7.70 -10.59 12.11
C TRP K 14 7.03 -11.77 12.80
N GLN K 15 5.83 -12.17 12.37
CA GLN K 15 5.15 -13.27 13.02
C GLN K 15 5.89 -14.58 12.79
N VAL K 16 6.23 -15.28 13.85
CA VAL K 16 6.84 -16.59 13.71
C VAL K 16 5.98 -17.62 14.41
N SER K 17 6.17 -18.87 14.00
CA SER K 17 5.54 -20.01 14.64
C SER K 17 6.62 -20.79 15.37
N LEU K 18 6.40 -21.10 16.64
CA LEU K 18 7.32 -21.89 17.42
C LEU K 18 6.85 -23.33 17.38
N GLN K 19 7.71 -24.23 16.91
CA GLN K 19 7.41 -25.64 16.78
C GLN K 19 8.27 -26.43 17.74
N ASP K 20 7.70 -27.49 18.32
CA ASP K 20 8.46 -28.37 19.20
C ASP K 20 9.25 -29.37 18.35
N LYS K 21 9.89 -30.33 19.00
CA LYS K 21 10.70 -31.33 18.31
C LYS K 21 9.90 -32.13 17.28
N THR K 22 8.58 -32.23 17.43
CA THR K 22 7.77 -33.00 16.48
C THR K 22 7.32 -32.19 15.28
N GLY K 23 7.56 -30.87 15.28
CA GLY K 23 7.00 -30.01 14.25
C GLY K 23 5.68 -29.39 14.61
N PHE K 24 5.19 -29.60 15.81
CA PHE K 24 3.89 -29.11 16.28
C PHE K 24 4.01 -27.62 16.62
N HIS K 25 3.24 -26.77 15.92
CA HIS K 25 3.09 -25.39 16.34
C HIS K 25 2.50 -25.35 17.75
N PHE K 26 3.16 -24.66 18.67
CA PHE K 26 2.62 -24.52 20.03
C PHE K 26 2.51 -23.09 20.52
N CYS K 27 3.15 -22.12 19.88
CA CYS K 27 3.06 -20.72 20.27
C CYS K 27 3.49 -19.85 19.10
N GLY K 28 3.07 -18.59 19.14
CA GLY K 28 3.62 -17.58 18.25
C GLY K 28 4.78 -16.84 18.91
N GLY K 29 5.36 -15.91 18.14
CA GLY K 29 6.43 -15.04 18.60
C GLY K 29 6.63 -13.95 17.58
N SER K 30 7.51 -12.99 17.90
CA SER K 30 7.77 -11.85 17.03
C SER K 30 9.27 -11.64 16.86
N LEU K 31 9.74 -11.57 15.61
CA LEU K 31 11.10 -11.13 15.35
C LEU K 31 11.25 -9.66 15.70
N ILE K 32 12.27 -9.33 16.49
CA ILE K 32 12.60 -7.93 16.79
C ILE K 32 13.89 -7.48 16.12
N ASN K 33 14.71 -8.41 15.63
CA ASN K 33 15.85 -8.17 14.74
C ASN K 33 16.21 -9.52 14.14
N GLU K 34 17.30 -9.57 13.39
CA GLU K 34 17.65 -10.81 12.70
CA GLU K 34 17.65 -10.81 12.69
C GLU K 34 18.05 -11.94 13.65
N ASN K 35 18.37 -11.62 14.91
CA ASN K 35 18.91 -12.62 15.82
C ASN K 35 18.05 -12.93 17.03
N TRP K 36 16.90 -12.28 17.21
CA TRP K 36 16.14 -12.40 18.45
C TRP K 36 14.65 -12.44 18.18
N VAL K 37 13.96 -13.33 18.90
CA VAL K 37 12.51 -13.42 18.88
C VAL K 37 12.00 -13.18 20.30
N VAL K 38 10.93 -12.42 20.43
CA VAL K 38 10.28 -12.23 21.72
C VAL K 38 8.96 -12.99 21.73
N THR K 39 8.69 -13.69 22.83
CA THR K 39 7.50 -14.52 22.96
C THR K 39 7.09 -14.50 24.43
N ALA K 40 6.10 -15.32 24.78
CA ALA K 40 5.60 -15.38 26.16
C ALA K 40 6.38 -16.39 26.98
N ALA K 41 6.61 -16.08 28.26
CA ALA K 41 7.28 -17.02 29.14
C ALA K 41 6.44 -18.27 29.35
N HIS K 42 5.11 -18.13 29.40
CA HIS K 42 4.28 -19.31 29.66
C HIS K 42 4.32 -20.32 28.51
N CYS K 43 4.94 -19.97 27.38
CA CYS K 43 5.12 -20.94 26.31
C CYS K 43 6.17 -22.00 26.64
N GLY K 44 7.05 -21.74 27.59
CA GLY K 44 8.03 -22.74 28.03
C GLY K 44 9.02 -23.18 26.97
N VAL K 45 9.46 -22.25 26.12
CA VAL K 45 10.34 -22.58 25.00
C VAL K 45 11.69 -23.09 25.53
N THR K 46 12.24 -24.07 24.83
CA THR K 46 13.58 -24.59 25.11
C THR K 46 14.37 -24.60 23.80
N THR K 47 15.64 -24.96 23.89
CA THR K 47 16.50 -25.01 22.72
C THR K 47 16.23 -26.21 21.82
N SER K 48 15.31 -27.10 22.23
CA SER K 48 14.78 -28.13 21.34
C SER K 48 13.76 -27.60 20.36
N ASP K 49 13.18 -26.42 20.64
CA ASP K 49 12.14 -25.87 19.79
C ASP K 49 12.74 -25.11 18.61
N VAL K 50 11.93 -24.90 17.58
CA VAL K 50 12.40 -24.28 16.35
C VAL K 50 11.55 -23.06 16.06
N VAL K 51 12.21 -21.99 15.63
CA VAL K 51 11.53 -20.77 15.16
C VAL K 51 11.30 -20.92 13.66
N VAL K 52 10.04 -20.87 13.23
CA VAL K 52 9.69 -20.91 11.81
C VAL K 52 9.28 -19.50 11.39
N ALA K 53 10.06 -18.92 10.48
CA ALA K 53 9.81 -17.59 9.93
C ALA K 53 9.37 -17.69 8.48
N GLY K 54 8.60 -16.69 8.03
CA GLY K 54 8.16 -16.62 6.65
C GLY K 54 6.97 -17.50 6.29
N GLU K 55 6.34 -18.12 7.28
CA GLU K 55 5.23 -19.02 7.04
C GLU K 55 3.92 -18.27 7.16
N PHE K 56 3.06 -18.40 6.17
CA PHE K 56 1.73 -17.81 6.22
CA PHE K 56 1.73 -17.83 6.27
C PHE K 56 0.66 -18.80 5.80
N ASP K 57 1.01 -19.68 4.88
CA ASP K 57 0.06 -20.59 4.25
C ASP K 57 0.58 -22.01 4.52
N GLN K 58 0.06 -22.62 5.59
CA GLN K 58 0.39 -24.02 5.85
C GLN K 58 -0.21 -24.96 4.81
N GLY K 59 -1.08 -24.47 3.95
CA GLY K 59 -1.53 -25.21 2.79
C GLY K 59 -0.69 -24.99 1.56
N SER K 60 0.46 -24.33 1.69
CA SER K 60 1.36 -24.04 0.59
C SER K 60 2.70 -24.72 0.82
N SER K 61 3.36 -25.10 -0.27
CA SER K 61 4.71 -25.64 -0.24
C SER K 61 5.72 -24.78 -0.96
N SER K 62 5.33 -23.61 -1.46
CA SER K 62 6.21 -22.74 -2.23
C SER K 62 6.69 -21.53 -1.43
N GLU K 63 6.38 -21.49 -0.14
CA GLU K 63 6.77 -20.33 0.66
C GLU K 63 8.24 -20.40 1.01
N LYS K 64 8.85 -19.21 1.15
CA LYS K 64 10.24 -19.10 1.54
C LYS K 64 10.31 -19.17 3.06
N ILE K 65 10.32 -20.41 3.58
CA ILE K 65 10.30 -20.72 5.00
C ILE K 65 11.73 -20.73 5.51
N GLN K 66 11.93 -20.21 6.72
CA GLN K 66 13.20 -20.33 7.43
C GLN K 66 12.95 -21.03 8.76
N LYS K 67 13.53 -22.22 8.91
CA LYS K 67 13.43 -22.97 10.16
C LYS K 67 14.71 -22.73 10.95
N LEU K 68 14.60 -21.97 12.03
CA LEU K 68 15.75 -21.42 12.73
C LEU K 68 15.90 -22.07 14.09
N LYS K 69 17.08 -22.63 14.34
CA LYS K 69 17.38 -23.23 15.63
C LYS K 69 17.56 -22.15 16.69
N ILE K 70 17.33 -22.52 17.95
CA ILE K 70 17.41 -21.59 19.08
C ILE K 70 18.68 -21.90 19.86
N ALA K 71 19.55 -20.89 19.99
CA ALA K 71 20.79 -21.07 20.72
C ALA K 71 20.60 -20.97 22.23
N LYS K 72 19.74 -20.06 22.69
CA LYS K 72 19.59 -19.84 24.12
C LYS K 72 18.25 -19.17 24.38
N VAL K 73 17.62 -19.56 25.49
CA VAL K 73 16.33 -19.00 25.92
C VAL K 73 16.58 -18.12 27.15
N PHE K 74 16.03 -16.90 27.13
CA PHE K 74 16.19 -15.93 28.21
C PHE K 74 14.81 -15.61 28.77
N LYS K 75 14.39 -16.37 29.78
CA LYS K 75 13.12 -16.12 30.46
C LYS K 75 13.28 -14.98 31.45
N ASN K 76 12.33 -14.05 31.44
CA ASN K 76 12.39 -12.96 32.42
C ASN K 76 12.30 -13.53 33.82
N SER K 77 13.32 -13.26 34.64
CA SER K 77 13.37 -13.80 36.00
C SER K 77 12.19 -13.36 36.84
N LYS K 78 11.52 -12.26 36.50
CA LYS K 78 10.36 -11.81 37.26
C LYS K 78 9.07 -12.53 36.86
N TYR K 79 9.12 -13.47 35.92
CA TYR K 79 7.92 -14.19 35.52
C TYR K 79 7.32 -14.93 36.71
N ASN K 80 6.01 -14.81 36.86
CA ASN K 80 5.29 -15.45 37.96
C ASN K 80 4.41 -16.56 37.38
N SER K 81 4.75 -17.82 37.70
CA SER K 81 4.05 -18.97 37.12
C SER K 81 2.62 -19.09 37.60
N LEU K 82 2.24 -18.40 38.68
CA LEU K 82 0.89 -18.47 39.21
C LEU K 82 0.01 -17.35 38.69
N THR K 83 0.49 -16.11 38.76
CA THR K 83 -0.26 -14.98 38.25
C THR K 83 -0.04 -14.73 36.76
N ILE K 84 1.00 -15.34 36.18
CA ILE K 84 1.39 -15.15 34.78
C ILE K 84 1.84 -13.70 34.55
N ASN K 85 2.27 -13.03 35.62
CA ASN K 85 2.76 -11.66 35.44
C ASN K 85 4.19 -11.67 34.89
N ASN K 86 4.52 -10.62 34.15
CA ASN K 86 5.83 -10.48 33.50
C ASN K 86 6.08 -11.61 32.51
N ASP K 87 5.11 -11.80 31.61
CA ASP K 87 5.04 -13.00 30.76
C ASP K 87 5.79 -12.79 29.45
N ILE K 88 7.12 -12.80 29.53
CA ILE K 88 7.95 -12.51 28.37
C ILE K 88 9.25 -13.34 28.42
N THR K 89 9.67 -13.82 27.24
CA THR K 89 10.88 -14.60 27.06
C THR K 89 11.54 -14.19 25.76
N LEU K 90 12.88 -14.13 25.76
CA LEU K 90 13.64 -13.83 24.56
C LEU K 90 14.33 -15.09 24.06
N LEU K 91 14.32 -15.27 22.75
CA LEU K 91 14.96 -16.40 22.09
C LEU K 91 16.09 -15.85 21.22
N LYS K 92 17.31 -16.34 21.45
CA LYS K 92 18.45 -16.01 20.61
C LYS K 92 18.63 -17.13 19.59
N LEU K 93 18.65 -16.78 18.31
CA LEU K 93 18.76 -17.76 17.24
C LEU K 93 20.19 -18.24 17.06
N SER K 94 20.35 -19.54 16.75
CA SER K 94 21.68 -20.06 16.45
C SER K 94 22.23 -19.43 15.17
N THR K 95 21.38 -19.31 14.16
CA THR K 95 21.70 -18.65 12.91
C THR K 95 20.75 -17.48 12.73
N ALA K 96 21.29 -16.34 12.32
CA ALA K 96 20.46 -15.17 12.10
C ALA K 96 19.43 -15.45 11.01
N ALA K 97 18.22 -14.94 11.21
CA ALA K 97 17.22 -14.92 10.15
C ALA K 97 17.71 -14.08 8.98
N SER K 98 17.29 -14.47 7.77
CA SER K 98 17.59 -13.73 6.55
C SER K 98 16.38 -12.87 6.25
N PHE K 99 16.49 -11.57 6.50
CA PHE K 99 15.32 -10.71 6.30
C PHE K 99 15.02 -10.56 4.82
N SER K 100 13.75 -10.35 4.52
CA SER K 100 13.31 -10.34 3.13
C SER K 100 11.97 -9.63 3.08
N GLN K 101 11.34 -9.68 1.91
CA GLN K 101 10.02 -9.09 1.76
C GLN K 101 8.97 -9.75 2.65
N THR K 102 9.19 -11.00 3.09
CA THR K 102 8.23 -11.69 3.96
C THR K 102 8.75 -11.93 5.37
N VAL K 103 9.99 -11.54 5.69
CA VAL K 103 10.56 -11.79 7.00
C VAL K 103 11.28 -10.52 7.43
N SER K 104 10.78 -9.87 8.48
CA SER K 104 11.41 -8.64 8.99
C SER K 104 10.90 -8.40 10.40
N ALA K 105 11.29 -7.26 10.99
CA ALA K 105 11.13 -7.03 12.43
C ALA K 105 9.97 -6.09 12.77
N VAL K 106 9.32 -6.39 13.89
CA VAL K 106 8.39 -5.46 14.51
C VAL K 106 9.18 -4.41 15.30
N CYS K 107 8.59 -3.24 15.48
CA CYS K 107 9.24 -2.24 16.34
C CYS K 107 8.94 -2.51 17.80
N LEU K 108 9.90 -2.15 18.66
CA LEU K 108 9.71 -2.18 20.10
C LEU K 108 9.37 -0.78 20.61
N PRO K 109 8.49 -0.65 21.59
CA PRO K 109 8.15 0.67 22.12
C PRO K 109 9.23 1.15 23.08
N SER K 110 9.12 2.42 23.45
CA SER K 110 9.82 2.93 24.61
C SER K 110 8.97 2.69 25.86
N ALA K 111 9.64 2.47 26.99
CA ALA K 111 8.94 2.24 28.25
C ALA K 111 8.02 3.39 28.62
N SER K 112 8.29 4.59 28.13
CA SER K 112 7.46 5.75 28.44
C SER K 112 6.32 5.97 27.44
N ASP K 113 6.22 5.12 26.40
CA ASP K 113 5.18 5.30 25.40
C ASP K 113 3.80 5.14 26.02
N ASP K 114 2.86 5.98 25.58
CA ASP K 114 1.48 5.96 26.06
C ASP K 114 0.57 5.44 24.94
N PHE K 115 0.12 4.20 25.07
CA PHE K 115 -0.89 3.64 24.18
C PHE K 115 -2.22 3.65 24.93
N ALA K 116 -3.06 4.65 24.64
CA ALA K 116 -4.23 4.94 25.45
C ALA K 116 -5.34 3.91 25.22
N ALA K 117 -6.22 3.81 26.21
CA ALA K 117 -7.41 2.99 26.09
C ALA K 117 -8.25 3.46 24.90
N GLY K 118 -8.85 2.51 24.19
CA GLY K 118 -9.61 2.81 22.99
C GLY K 118 -8.83 2.75 21.70
N THR K 119 -7.50 2.79 21.77
CA THR K 119 -6.68 2.64 20.57
C THR K 119 -6.98 1.32 19.86
N THR K 120 -7.15 1.40 18.55
CA THR K 120 -7.35 0.21 17.75
C THR K 120 -6.00 -0.41 17.41
N CYS K 121 -5.82 -1.67 17.77
CA CYS K 121 -4.58 -2.38 17.48
C CYS K 121 -4.91 -3.68 16.72
N VAL K 122 -3.90 -4.52 16.49
CA VAL K 122 -4.08 -5.75 15.72
C VAL K 122 -3.34 -6.86 16.43
N THR K 123 -3.95 -8.05 16.50
CA THR K 123 -3.25 -9.24 16.94
C THR K 123 -3.31 -10.28 15.83
N THR K 124 -2.28 -11.13 15.77
CA THR K 124 -2.17 -12.12 14.70
C THR K 124 -1.73 -13.45 15.30
N GLY K 125 -2.06 -14.54 14.62
CA GLY K 125 -1.61 -15.82 15.10
C GLY K 125 -2.31 -16.98 14.41
N TRP K 126 -1.87 -18.17 14.78
CA TRP K 126 -2.42 -19.41 14.22
CA TRP K 126 -2.37 -19.44 14.26
C TRP K 126 -3.33 -20.15 15.20
N GLY K 127 -3.81 -19.47 16.24
CA GLY K 127 -4.69 -20.13 17.19
C GLY K 127 -6.06 -20.45 16.61
N LEU K 128 -6.85 -21.16 17.41
CA LEU K 128 -8.17 -21.62 16.99
C LEU K 128 -9.03 -20.45 16.54
N THR K 129 -9.82 -20.67 15.50
CA THR K 129 -10.77 -19.65 15.02
C THR K 129 -12.12 -19.76 15.69
N ARG K 130 -12.29 -20.74 16.56
CA ARG K 130 -13.53 -20.98 17.29
C ARG K 130 -13.18 -21.94 18.41
N TYR K 131 -13.68 -21.68 19.61
CA TYR K 131 -13.28 -22.50 20.76
C TYR K 131 -13.49 -23.96 20.43
N ALA L 1 -11.88 -29.50 12.20
CA ALA L 1 -11.12 -28.80 13.21
C ALA L 1 -11.35 -27.29 13.10
N ASN L 2 -10.99 -26.55 14.16
CA ASN L 2 -11.02 -25.09 14.13
C ASN L 2 -9.63 -24.48 14.00
N THR L 3 -8.66 -25.23 13.45
CA THR L 3 -7.30 -24.74 13.24
C THR L 3 -7.20 -24.06 11.86
N PRO L 4 -6.73 -22.83 11.78
CA PRO L 4 -6.60 -22.19 10.46
C PRO L 4 -5.35 -22.68 9.74
N ASP L 5 -5.46 -22.78 8.42
N ASP L 5 -5.45 -22.80 8.43
CA ASP L 5 -4.31 -23.11 7.57
CA ASP L 5 -4.28 -23.11 7.62
C ASP L 5 -3.65 -21.88 6.98
C ASP L 5 -3.51 -21.86 7.19
N ARG L 6 -4.10 -20.68 7.34
CA ARG L 6 -3.44 -19.44 6.96
C ARG L 6 -3.44 -18.49 8.15
N LEU L 7 -2.35 -17.74 8.30
CA LEU L 7 -2.22 -16.82 9.42
C LEU L 7 -3.42 -15.89 9.50
N GLN L 8 -3.93 -15.71 10.73
CA GLN L 8 -5.12 -14.91 10.96
C GLN L 8 -4.77 -13.57 11.60
N GLN L 9 -5.69 -12.61 11.45
CA GLN L 9 -5.52 -11.28 12.00
C GLN L 9 -6.87 -10.79 12.50
N ALA L 10 -6.84 -9.87 13.45
CA ALA L 10 -8.04 -9.18 13.90
C ALA L 10 -7.64 -7.84 14.52
N SER L 11 -8.45 -6.82 14.26
CA SER L 11 -8.29 -5.55 14.96
C SER L 11 -9.15 -5.53 16.21
N LEU L 12 -8.68 -4.85 17.25
CA LEU L 12 -9.35 -4.87 18.54
C LEU L 12 -8.86 -3.70 19.37
N PRO L 13 -9.71 -3.15 20.25
CA PRO L 13 -9.30 -1.99 21.05
C PRO L 13 -8.59 -2.37 22.33
N LEU L 14 -7.63 -1.53 22.70
CA LEU L 14 -7.06 -1.60 24.04
C LEU L 14 -8.10 -1.22 25.08
N LEU L 15 -8.00 -1.84 26.25
CA LEU L 15 -8.83 -1.49 27.40
C LEU L 15 -7.99 -0.80 28.45
N SER L 16 -8.62 0.05 29.25
CA SER L 16 -7.97 0.55 30.45
C SER L 16 -7.88 -0.56 31.50
N ASN L 17 -6.80 -0.56 32.28
CA ASN L 17 -6.64 -1.60 33.28
C ASN L 17 -7.74 -1.53 34.34
N THR L 18 -8.37 -0.35 34.52
CA THR L 18 -9.53 -0.27 35.40
C THR L 18 -10.74 -0.99 34.80
N ASN L 19 -11.00 -0.78 33.51
CA ASN L 19 -12.13 -1.46 32.87
C ASN L 19 -11.86 -2.94 32.71
N CYS L 20 -10.60 -3.33 32.56
CA CYS L 20 -10.28 -4.74 32.46
C CYS L 20 -10.54 -5.46 33.77
N LYS L 21 -10.27 -4.79 34.89
CA LYS L 21 -10.50 -5.38 36.20
C LYS L 21 -11.98 -5.60 36.47
N LYS L 22 -12.86 -4.90 35.73
CA LYS L 22 -14.29 -5.15 35.83
C LYS L 22 -14.65 -6.57 35.39
N TYR L 23 -13.81 -7.18 34.55
CA TYR L 23 -13.94 -8.58 34.16
C TYR L 23 -13.07 -9.50 35.00
N TRP L 24 -11.77 -9.20 35.11
CA TRP L 24 -10.79 -10.14 35.65
C TRP L 24 -10.37 -9.86 37.09
N GLY L 25 -10.79 -8.74 37.68
CA GLY L 25 -10.48 -8.48 39.07
C GLY L 25 -8.99 -8.31 39.33
N THR L 26 -8.55 -8.77 40.51
CA THR L 26 -7.18 -8.57 40.95
C THR L 26 -6.17 -9.40 40.17
N LYS L 27 -6.61 -10.23 39.23
CA LYS L 27 -5.68 -10.96 38.38
C LYS L 27 -4.90 -10.05 37.44
N ILE L 28 -5.36 -8.81 37.26
CA ILE L 28 -4.72 -7.89 36.33
C ILE L 28 -3.63 -7.12 37.07
N LYS L 29 -2.39 -7.28 36.63
CA LYS L 29 -1.24 -6.61 37.24
C LYS L 29 -0.71 -5.51 36.33
N ASP L 30 0.18 -4.67 36.88
CA ASP L 30 0.67 -3.51 36.14
C ASP L 30 1.41 -3.91 34.87
N ALA L 31 2.08 -5.07 34.87
CA ALA L 31 2.78 -5.53 33.69
C ALA L 31 1.88 -6.28 32.72
N MET L 32 0.56 -6.11 32.84
CA MET L 32 -0.39 -6.65 31.88
C MET L 32 -1.15 -5.50 31.24
N ILE L 33 -1.61 -5.73 30.01
CA ILE L 33 -2.50 -4.81 29.31
C ILE L 33 -3.59 -5.65 28.68
N CYS L 34 -4.82 -5.14 28.70
CA CYS L 34 -5.95 -5.88 28.19
C CYS L 34 -6.42 -5.30 26.86
N ALA L 35 -7.03 -6.16 26.06
CA ALA L 35 -7.55 -5.73 24.76
C ALA L 35 -8.65 -6.69 24.34
N GLY L 36 -9.59 -6.17 23.56
CA GLY L 36 -10.65 -6.99 23.02
C GLY L 36 -12.00 -6.77 23.68
N ALA L 37 -12.66 -7.88 24.04
CA ALA L 37 -14.04 -7.87 24.52
C ALA L 37 -14.97 -7.21 23.51
N SER L 38 -14.59 -7.28 22.22
CA SER L 38 -15.19 -6.46 21.18
C SER L 38 -15.68 -7.28 19.99
N GLY L 39 -15.81 -8.59 20.13
CA GLY L 39 -16.23 -9.41 19.01
C GLY L 39 -15.15 -10.32 18.47
N VAL L 40 -13.92 -10.21 18.96
CA VAL L 40 -12.84 -11.12 18.60
C VAL L 40 -12.15 -11.58 19.88
N SER L 41 -11.35 -12.65 19.76
CA SER L 41 -10.62 -13.16 20.91
C SER L 41 -9.40 -13.94 20.45
N SER L 42 -8.26 -13.69 21.10
CA SER L 42 -7.16 -14.64 21.03
C SER L 42 -7.62 -15.98 21.56
N CYS L 43 -7.04 -17.07 21.04
CA CYS L 43 -7.50 -18.40 21.43
C CYS L 43 -6.33 -19.37 21.34
N MET L 44 -6.54 -20.58 21.86
CA MET L 44 -5.49 -21.60 21.98
CA MET L 44 -5.49 -21.60 21.98
C MET L 44 -4.62 -21.66 20.72
N GLY L 45 -3.32 -21.42 20.90
CA GLY L 45 -2.35 -21.36 19.82
C GLY L 45 -1.89 -19.95 19.48
N ASP L 46 -2.61 -18.94 19.94
CA ASP L 46 -2.15 -17.56 19.74
C ASP L 46 -1.15 -17.12 20.78
N SER L 47 -0.99 -17.89 21.88
CA SER L 47 -0.05 -17.54 22.94
C SER L 47 1.32 -17.15 22.40
N GLY L 48 1.90 -16.09 22.99
CA GLY L 48 3.23 -15.65 22.64
C GLY L 48 3.33 -14.72 21.44
N GLY L 49 2.26 -14.62 20.63
CA GLY L 49 2.27 -13.80 19.45
C GLY L 49 2.03 -12.33 19.75
N PRO L 50 2.05 -11.52 18.70
CA PRO L 50 2.03 -10.07 18.88
C PRO L 50 0.66 -9.44 19.00
N LEU L 51 0.62 -8.38 19.81
CA LEU L 51 -0.41 -7.34 19.76
C LEU L 51 0.29 -6.05 19.39
N VAL L 52 0.02 -5.51 18.19
CA VAL L 52 0.74 -4.35 17.68
C VAL L 52 -0.20 -3.17 17.51
N CYS L 53 0.33 -1.97 17.80
CA CYS L 53 -0.38 -0.72 17.61
C CYS L 53 0.56 0.21 16.85
N LYS L 54 -0.02 1.16 16.14
CA LYS L 54 0.77 2.09 15.35
C LYS L 54 1.46 3.13 16.23
N LYS L 55 2.72 3.41 15.94
CA LYS L 55 3.47 4.50 16.57
C LYS L 55 4.46 5.03 15.55
N ASN L 56 4.34 6.31 15.20
CA ASN L 56 5.14 6.92 14.14
C ASN L 56 4.89 6.25 12.80
N GLY L 57 3.65 5.84 12.56
CA GLY L 57 3.28 5.17 11.33
C GLY L 57 3.69 3.72 11.22
N ALA L 58 4.39 3.18 12.23
CA ALA L 58 4.93 1.82 12.20
C ALA L 58 4.30 0.94 13.26
N TRP L 59 4.17 -0.35 12.93
CA TRP L 59 3.61 -1.30 13.88
C TRP L 59 4.59 -1.55 15.02
N THR L 60 4.12 -1.35 16.24
CA THR L 60 4.95 -1.42 17.44
C THR L 60 4.35 -2.43 18.40
N LEU L 61 5.22 -3.27 18.99
CA LEU L 61 4.78 -4.37 19.85
C LEU L 61 4.33 -3.83 21.20
N VAL L 62 3.03 -3.88 21.46
CA VAL L 62 2.45 -3.32 22.67
C VAL L 62 2.07 -4.43 23.63
N GLY L 63 1.72 -5.60 23.09
CA GLY L 63 1.35 -6.73 23.92
C GLY L 63 1.87 -8.03 23.34
N ILE L 64 1.95 -9.02 24.23
CA ILE L 64 2.25 -10.41 23.89
C ILE L 64 1.09 -11.25 24.42
N VAL L 65 0.50 -12.07 23.53
CA VAL L 65 -0.68 -12.85 23.90
C VAL L 65 -0.35 -13.70 25.12
N SER L 66 -1.06 -13.46 26.22
CA SER L 66 -0.74 -14.06 27.50
C SER L 66 -1.82 -15.02 27.97
N TRP L 67 -3.02 -14.54 28.23
CA TRP L 67 -4.11 -15.42 28.60
C TRP L 67 -5.42 -14.68 28.37
N GLY L 68 -6.51 -15.42 28.40
CA GLY L 68 -7.82 -14.84 28.13
C GLY L 68 -8.94 -15.76 28.55
N SER L 69 -10.10 -15.62 27.93
CA SER L 69 -11.27 -16.39 28.32
C SER L 69 -11.02 -17.89 28.18
N SER L 70 -11.46 -18.63 29.19
CA SER L 70 -11.37 -20.08 29.17
C SER L 70 -12.03 -20.68 27.94
N THR L 71 -13.04 -20.01 27.40
CA THR L 71 -13.76 -20.47 26.21
C THR L 71 -13.56 -19.52 25.03
N CYS L 72 -12.55 -18.65 25.10
CA CYS L 72 -12.28 -17.70 24.02
C CYS L 72 -13.52 -16.86 23.71
N SER L 73 -14.24 -16.48 24.76
CA SER L 73 -15.40 -15.62 24.58
C SER L 73 -14.97 -14.27 24.00
N THR L 74 -15.69 -13.81 22.99
CA THR L 74 -15.37 -12.53 22.36
C THR L 74 -15.97 -11.32 23.09
N SER L 75 -16.72 -11.54 24.18
CA SER L 75 -17.18 -10.46 25.03
C SER L 75 -16.34 -10.35 26.29
N THR L 76 -15.24 -11.09 26.36
CA THR L 76 -14.33 -11.08 27.47
C THR L 76 -12.98 -10.53 27.00
N PRO L 77 -12.35 -9.63 27.73
CA PRO L 77 -11.07 -9.09 27.26
C PRO L 77 -9.97 -10.12 27.36
N GLY L 78 -9.12 -10.15 26.33
CA GLY L 78 -7.88 -10.89 26.41
C GLY L 78 -6.83 -10.12 27.18
N VAL L 79 -5.90 -10.85 27.78
CA VAL L 79 -4.84 -10.28 28.60
C VAL L 79 -3.50 -10.51 27.91
N TYR L 80 -2.68 -9.46 27.86
CA TYR L 80 -1.42 -9.45 27.14
C TYR L 80 -0.32 -8.96 28.08
N ALA L 81 0.89 -9.49 27.89
CA ALA L 81 2.03 -8.92 28.58
C ALA L 81 2.26 -7.49 28.06
N ARG L 82 2.33 -6.53 28.98
CA ARG L 82 2.45 -5.12 28.60
C ARG L 82 3.92 -4.81 28.25
N VAL L 83 4.20 -4.64 26.96
CA VAL L 83 5.59 -4.55 26.52
C VAL L 83 6.27 -3.27 27.01
N THR L 84 5.53 -2.18 27.19
CA THR L 84 6.16 -0.98 27.72
C THR L 84 6.76 -1.22 29.11
N ALA L 85 6.16 -2.12 29.89
CA ALA L 85 6.68 -2.47 31.21
C ALA L 85 7.83 -3.48 31.14
N LEU L 86 8.06 -4.10 30.00
CA LEU L 86 9.05 -5.16 29.89
C LEU L 86 10.15 -4.85 28.88
N VAL L 87 10.03 -3.76 28.11
CA VAL L 87 11.00 -3.52 27.05
C VAL L 87 12.34 -3.11 27.62
N ASN L 88 12.38 -2.49 28.79
CA ASN L 88 13.67 -2.20 29.42
C ASN L 88 14.42 -3.50 29.72
N TRP L 89 13.71 -4.54 30.16
CA TRP L 89 14.36 -5.83 30.36
C TRP L 89 14.80 -6.41 29.03
N VAL L 90 13.98 -6.27 27.98
CA VAL L 90 14.39 -6.73 26.65
C VAL L 90 15.69 -6.07 26.24
N GLN L 91 15.75 -4.74 26.32
CA GLN L 91 16.96 -4.03 25.91
C GLN L 91 18.15 -4.42 26.77
N GLN L 92 17.93 -4.58 28.07
CA GLN L 92 18.97 -5.06 28.97
C GLN L 92 19.50 -6.42 28.53
N THR L 93 18.61 -7.34 28.17
CA THR L 93 19.03 -8.68 27.76
C THR L 93 19.85 -8.63 26.48
N LEU L 94 19.37 -7.86 25.49
CA LEU L 94 20.10 -7.72 24.23
C LEU L 94 21.49 -7.12 24.44
N ALA L 95 21.59 -6.07 25.26
CA ALA L 95 22.88 -5.42 25.47
C ALA L 95 23.88 -6.36 26.15
N ALA L 96 23.41 -7.28 26.99
CA ALA L 96 24.28 -8.16 27.74
C ALA L 96 24.62 -9.45 27.00
N ASN L 97 24.09 -9.67 25.80
CA ASN L 97 24.35 -10.92 25.10
C ASN L 97 24.66 -10.69 23.62
S SO4 M . -33.85 21.51 1.24
O1 SO4 M . -35.11 21.81 0.54
O2 SO4 M . -33.83 20.10 1.62
O3 SO4 M . -33.74 22.34 2.43
O4 SO4 M . -32.73 21.80 0.34
S SO4 N . -40.32 8.07 8.75
O1 SO4 N . -40.88 9.40 8.49
O2 SO4 N . -39.94 7.44 7.50
O3 SO4 N . -41.33 7.24 9.42
O4 SO4 N . -39.16 8.20 9.63
S SO4 O . -29.57 29.30 -3.40
O1 SO4 O . -30.91 29.59 -2.90
O2 SO4 O . -29.67 28.60 -4.68
O3 SO4 O . -28.82 30.54 -3.58
O4 SO4 O . -28.87 28.46 -2.43
S SO4 P . -36.99 0.19 -0.84
O1 SO4 P . -36.53 -0.98 -1.60
O2 SO4 P . -38.41 0.40 -1.06
O3 SO4 P . -36.25 1.35 -1.31
O4 SO4 P . -36.76 -0.04 0.58
S SO4 Q . -26.53 14.75 23.67
O1 SO4 Q . -26.69 15.51 22.42
O2 SO4 Q . -27.84 14.30 24.13
O3 SO4 Q . -25.93 15.61 24.69
O4 SO4 Q . -25.66 13.60 23.45
S SO4 R . -17.00 -9.82 -34.79
O1 SO4 R . -17.29 -10.96 -35.67
O2 SO4 R . -17.72 -8.63 -35.27
O3 SO4 R . -17.47 -10.13 -33.43
O4 SO4 R . -15.57 -9.55 -34.77
S SO4 S . -4.92 -7.11 -41.28
O1 SO4 S . -5.46 -8.46 -41.44
O2 SO4 S . -4.97 -6.41 -42.56
O3 SO4 S . -3.54 -7.19 -40.80
O4 SO4 S . -5.74 -6.37 -40.31
S SO4 T . 40.20 9.66 -8.06
O1 SO4 T . 39.63 8.54 -7.31
O2 SO4 T . 39.30 10.06 -9.14
O3 SO4 T . 40.42 10.78 -7.15
O4 SO4 T . 41.48 9.24 -8.62
S SO4 U . 26.35 17.12 -22.47
O1 SO4 U . 25.45 17.93 -23.29
O2 SO4 U . 25.81 15.77 -22.37
O3 SO4 U . 27.68 17.06 -23.10
O4 SO4 U . 26.47 17.71 -21.15
S SO4 V . 17.35 -11.97 33.99
O1 SO4 V . 15.91 -11.74 33.78
O2 SO4 V . 17.99 -12.19 32.69
O3 SO4 V . 17.55 -13.14 34.84
O4 SO4 V . 17.95 -10.80 34.61
S SO4 W . 4.95 -9.92 40.53
O1 SO4 W . 5.29 -8.91 39.52
O2 SO4 W . 3.67 -10.54 40.21
O3 SO4 W . 6.01 -10.92 40.57
O4 SO4 W . 4.86 -9.27 41.84
S SO4 X . 12.05 -1.21 34.28
O1 SO4 X . 11.31 -0.66 33.15
O2 SO4 X . 11.13 -1.36 35.42
O3 SO4 X . 13.13 -0.28 34.65
O4 SO4 X . 12.57 -2.55 33.96
S SO4 Y . -13.49 -16.79 32.38
O1 SO4 Y . -13.27 -15.42 31.94
O2 SO4 Y . -14.62 -17.35 31.65
O3 SO4 Y . -12.29 -17.60 32.12
O4 SO4 Y . -13.77 -16.80 33.82
#